data_7M94
#
_entry.id   7M94
#
_cell.length_a   69.050
_cell.length_b   54.161
_cell.length_c   99.699
_cell.angle_alpha   90.000
_cell.angle_beta   91.093
_cell.angle_gamma   90.000
#
_symmetry.space_group_name_H-M   'P 1 21 1'
#
loop_
_entity.id
_entity.type
_entity.pdbx_description
1 polymer 'Sigma intracellular receptor 2'
2 non-polymer Roluperidone
3 non-polymer '(2R)-2,3-dihydroxypropyl (9Z)-octadec-9-enoate'
4 water water
#
_entity_poly.entity_id   1
_entity_poly.type   'polypeptide(L)'
_entity_poly.pdbx_seq_one_letter_code
;GPGGSSMGTLGARRGLEWFLGFYFLSHIPITLLMDLQGVLPRDLYPVELRNLQQWYIEEFKDPLLQTPPAWFKSFLFCEL
VFQLPFFPIAAYAFFKGGCKWIRTPAIIYSVHTMTTLIPILSTLLLDDFSKASHFRGQGPKTFQERLFLISVYIPYFLIP
LILLLFMVRNPYYK
;
_entity_poly.pdbx_strand_id   A,B,C,D
#
loop_
_chem_comp.id
_chem_comp.type
_chem_comp.name
_chem_comp.formula
OLC non-polymer '(2R)-2,3-dihydroxypropyl (9Z)-octadec-9-enoate' 'C21 H40 O4'
YT7 non-polymer Roluperidone 'C22 H23 F N2 O2'
#
# COMPACT_ATOMS: atom_id res chain seq x y z
N GLY A 8 -27.53 36.03 -24.93
CA GLY A 8 -26.74 37.24 -25.03
C GLY A 8 -25.45 37.03 -25.79
N THR A 9 -24.58 38.04 -25.77
CA THR A 9 -23.30 37.97 -26.47
C THR A 9 -22.26 37.14 -25.71
N LEU A 10 -22.62 36.58 -24.55
CA LEU A 10 -21.70 35.68 -23.85
C LEU A 10 -21.47 34.41 -24.67
N GLY A 11 -22.51 33.87 -25.28
CA GLY A 11 -22.44 32.60 -25.96
C GLY A 11 -22.71 31.43 -25.04
N ALA A 12 -22.87 30.25 -25.66
CA ALA A 12 -23.17 29.06 -24.87
C ALA A 12 -21.94 28.60 -24.09
N ARG A 13 -20.75 28.72 -24.70
CA ARG A 13 -19.54 28.23 -24.05
C ARG A 13 -19.19 29.09 -22.83
N ARG A 14 -19.24 30.41 -22.97
CA ARG A 14 -19.01 31.28 -21.82
C ARG A 14 -20.13 31.16 -20.80
N GLY A 15 -21.37 30.93 -21.26
CA GLY A 15 -22.47 30.81 -20.33
C GLY A 15 -22.36 29.58 -19.44
N LEU A 16 -21.78 28.50 -19.98
CA LEU A 16 -21.56 27.32 -19.17
C LEU A 16 -20.36 27.52 -18.24
N GLU A 17 -19.36 28.28 -18.67
CA GLU A 17 -18.25 28.62 -17.77
C GLU A 17 -18.75 29.41 -16.57
N TRP A 18 -19.62 30.39 -16.79
CA TRP A 18 -20.22 31.10 -15.67
C TRP A 18 -21.10 30.18 -14.83
N PHE A 19 -21.90 29.35 -15.50
CA PHE A 19 -22.80 28.45 -14.78
C PHE A 19 -22.04 27.53 -13.84
N LEU A 20 -20.95 26.93 -14.33
CA LEU A 20 -20.12 26.10 -13.46
C LEU A 20 -19.52 26.90 -12.31
N GLY A 21 -19.22 28.17 -12.55
CA GLY A 21 -18.68 29.00 -11.48
C GLY A 21 -19.66 29.17 -10.34
N PHE A 22 -20.92 29.48 -10.66
CA PHE A 22 -21.92 29.65 -9.61
C PHE A 22 -22.34 28.32 -8.99
N TYR A 23 -22.21 27.22 -9.73
CA TYR A 23 -22.43 25.90 -9.15
C TYR A 23 -21.39 25.60 -8.06
N PHE A 24 -20.11 25.81 -8.38
CA PHE A 24 -19.05 25.58 -7.38
C PHE A 24 -19.10 26.63 -6.28
N LEU A 25 -19.59 27.82 -6.56
CA LEU A 25 -19.68 28.85 -5.54
C LEU A 25 -20.78 28.51 -4.52
N SER A 26 -21.98 28.22 -5.00
CA SER A 26 -23.07 27.87 -4.11
C SER A 26 -22.85 26.52 -3.42
N HIS A 27 -21.94 25.69 -3.94
CA HIS A 27 -21.69 24.40 -3.30
C HIS A 27 -21.01 24.58 -1.96
N ILE A 28 -20.25 25.66 -1.78
CA ILE A 28 -19.56 25.89 -0.51
C ILE A 28 -20.55 26.06 0.63
N PRO A 29 -21.52 27.00 0.59
CA PRO A 29 -22.45 27.10 1.72
C PRO A 29 -23.34 25.88 1.87
N ILE A 30 -23.74 25.25 0.76
CA ILE A 30 -24.63 24.09 0.86
C ILE A 30 -23.94 22.95 1.58
N THR A 31 -22.69 22.66 1.21
CA THR A 31 -21.96 21.58 1.86
C THR A 31 -21.70 21.90 3.32
N LEU A 32 -21.22 23.13 3.59
CA LEU A 32 -20.80 23.49 4.93
C LEU A 32 -21.99 23.57 5.89
N LEU A 33 -23.13 24.05 5.41
CA LEU A 33 -24.27 24.30 6.29
C LEU A 33 -25.30 23.18 6.29
N MET A 34 -25.28 22.29 5.31
CA MET A 34 -26.32 21.26 5.24
C MET A 34 -25.76 19.86 5.17
N ASP A 35 -24.87 19.62 4.19
CA ASP A 35 -24.36 18.27 3.95
C ASP A 35 -23.56 17.75 5.14
N LEU A 36 -22.58 18.53 5.59
CA LEU A 36 -21.67 18.07 6.63
C LEU A 36 -22.34 17.90 7.99
N GLN A 37 -23.62 18.22 8.12
CA GLN A 37 -24.32 17.91 9.36
C GLN A 37 -24.43 16.40 9.59
N GLY A 38 -24.24 15.59 8.55
CA GLY A 38 -24.27 14.16 8.71
C GLY A 38 -22.98 13.52 9.18
N VAL A 39 -21.90 14.29 9.24
CA VAL A 39 -20.61 13.77 9.72
C VAL A 39 -19.96 14.64 10.78
N LEU A 40 -20.35 15.90 10.94
CA LEU A 40 -19.78 16.76 11.95
C LEU A 40 -20.69 16.83 13.17
N PRO A 41 -20.14 17.18 14.33
CA PRO A 41 -20.95 17.25 15.55
C PRO A 41 -22.07 18.28 15.42
N ARG A 42 -23.08 18.11 16.29
CA ARG A 42 -24.24 19.00 16.25
C ARG A 42 -23.90 20.41 16.70
N ASP A 43 -22.97 20.55 17.67
CA ASP A 43 -22.75 21.84 18.31
C ASP A 43 -22.10 22.85 17.39
N LEU A 44 -21.42 22.39 16.33
CA LEU A 44 -20.87 23.32 15.35
C LEU A 44 -21.93 24.04 14.55
N TYR A 45 -23.20 23.62 14.65
CA TYR A 45 -24.31 24.18 13.91
C TYR A 45 -25.32 24.82 14.83
N PRO A 46 -25.79 26.03 14.51
CA PRO A 46 -26.87 26.64 15.30
C PRO A 46 -28.10 25.76 15.28
N VAL A 47 -28.91 25.87 16.34
CA VAL A 47 -30.09 25.03 16.45
C VAL A 47 -31.10 25.32 15.34
N GLU A 48 -31.06 26.52 14.76
CA GLU A 48 -31.99 26.83 13.68
C GLU A 48 -31.61 26.14 12.38
N LEU A 49 -30.31 25.93 12.14
CA LEU A 49 -29.89 25.15 10.98
C LEU A 49 -30.23 23.68 11.15
N ARG A 50 -30.10 23.16 12.36
CA ARG A 50 -30.41 21.75 12.58
C ARG A 50 -31.90 21.49 12.47
N ASN A 51 -32.72 22.40 13.00
CA ASN A 51 -34.16 22.25 12.88
C ASN A 51 -34.63 22.46 11.45
N LEU A 52 -33.92 23.29 10.68
CA LEU A 52 -34.28 23.49 9.29
C LEU A 52 -34.05 22.21 8.48
N GLN A 53 -32.88 21.57 8.66
CA GLN A 53 -32.64 20.31 7.99
C GLN A 53 -33.61 19.23 8.46
N GLN A 54 -34.03 19.30 9.73
CA GLN A 54 -34.99 18.32 10.24
C GLN A 54 -36.35 18.50 9.58
N TRP A 55 -36.73 19.74 9.25
CA TRP A 55 -37.96 19.97 8.50
C TRP A 55 -37.90 19.29 7.14
N TYR A 56 -36.76 19.41 6.45
CA TYR A 56 -36.60 18.77 5.16
C TYR A 56 -36.67 17.26 5.27
N ILE A 57 -36.03 16.68 6.30
CA ILE A 57 -36.02 15.24 6.44
C ILE A 57 -37.44 14.71 6.69
N GLU A 58 -38.22 15.42 7.52
CA GLU A 58 -39.56 14.95 7.82
C GLU A 58 -40.50 15.13 6.64
N GLU A 59 -40.38 16.26 5.94
CA GLU A 59 -41.29 16.56 4.84
C GLU A 59 -41.05 15.62 3.66
N PHE A 60 -39.82 15.51 3.21
CA PHE A 60 -39.51 14.80 1.98
C PHE A 60 -39.04 13.37 2.21
N LYS A 61 -39.05 12.91 3.46
CA LYS A 61 -38.75 11.51 3.81
C LYS A 61 -37.37 11.10 3.33
N ASP A 62 -36.37 11.92 3.62
CA ASP A 62 -35.01 11.59 3.25
C ASP A 62 -34.52 10.45 4.14
N PRO A 63 -34.15 9.29 3.59
CA PRO A 63 -33.69 8.18 4.43
C PRO A 63 -32.20 8.25 4.70
N LEU A 64 -31.46 8.90 3.80
CA LEU A 64 -30.01 9.01 3.92
C LEU A 64 -29.61 10.04 4.97
N LEU A 65 -30.26 11.21 4.97
CA LEU A 65 -29.88 12.25 5.91
C LEU A 65 -30.39 11.96 7.32
N GLN A 66 -31.46 11.17 7.44
CA GLN A 66 -32.04 10.89 8.75
C GLN A 66 -31.06 10.11 9.63
N THR A 67 -30.68 8.91 9.19
CA THR A 67 -29.66 8.10 9.87
C THR A 67 -28.61 7.73 8.84
N PRO A 68 -27.56 8.54 8.71
CA PRO A 68 -26.60 8.37 7.62
C PRO A 68 -25.94 7.01 7.65
N PRO A 69 -26.09 6.22 6.59
CA PRO A 69 -25.42 4.93 6.51
C PRO A 69 -23.92 5.11 6.34
N ALA A 70 -23.19 4.02 6.57
CA ALA A 70 -21.73 4.06 6.52
C ALA A 70 -21.23 4.46 5.15
N TRP A 71 -21.83 3.91 4.08
CA TRP A 71 -21.41 4.26 2.73
C TRP A 71 -21.68 5.72 2.44
N PHE A 72 -22.83 6.23 2.86
CA PHE A 72 -23.17 7.64 2.63
C PHE A 72 -22.29 8.57 3.45
N LYS A 73 -21.90 8.15 4.66
CA LYS A 73 -20.99 8.96 5.47
C LYS A 73 -19.60 9.04 4.86
N SER A 74 -19.15 7.99 4.17
CA SER A 74 -17.84 8.04 3.55
C SER A 74 -17.78 9.07 2.44
N PHE A 75 -18.87 9.19 1.66
CA PHE A 75 -18.92 10.22 0.63
C PHE A 75 -18.97 11.62 1.23
N LEU A 76 -19.65 11.76 2.38
CA LEU A 76 -19.71 13.04 3.06
C LEU A 76 -18.32 13.48 3.52
N PHE A 77 -17.50 12.53 3.97
CA PHE A 77 -16.13 12.86 4.33
C PHE A 77 -15.30 13.23 3.11
N CYS A 78 -15.53 12.54 1.99
CA CYS A 78 -14.87 12.91 0.74
C CYS A 78 -15.23 14.33 0.32
N GLU A 79 -16.46 14.77 0.63
CA GLU A 79 -16.86 16.14 0.33
C GLU A 79 -16.08 17.12 1.18
N LEU A 80 -15.86 16.79 2.45
CA LEU A 80 -15.09 17.66 3.33
C LEU A 80 -13.63 17.73 2.90
N VAL A 81 -12.99 16.58 2.72
CA VAL A 81 -11.54 16.54 2.52
C VAL A 81 -11.18 16.88 1.07
N PHE A 82 -11.93 16.36 0.09
CA PHE A 82 -11.58 16.49 -1.32
C PHE A 82 -12.35 17.58 -2.04
N GLN A 83 -13.69 17.56 -1.97
CA GLN A 83 -14.48 18.42 -2.85
C GLN A 83 -14.45 19.86 -2.38
N LEU A 84 -14.72 20.10 -1.09
CA LEU A 84 -14.79 21.46 -0.58
C LEU A 84 -13.51 22.27 -0.84
N PRO A 85 -12.29 21.74 -0.65
CA PRO A 85 -11.10 22.52 -1.02
C PRO A 85 -11.03 22.84 -2.51
N PHE A 86 -11.62 21.99 -3.36
CA PHE A 86 -11.57 22.21 -4.80
C PHE A 86 -12.59 23.23 -5.27
N PHE A 87 -13.68 23.41 -4.52
CA PHE A 87 -14.76 24.31 -4.94
C PHE A 87 -14.27 25.73 -5.24
N PRO A 88 -13.53 26.42 -4.36
CA PRO A 88 -13.11 27.78 -4.71
C PRO A 88 -12.12 27.84 -5.85
N ILE A 89 -11.28 26.81 -6.00
CA ILE A 89 -10.31 26.80 -7.10
C ILE A 89 -11.01 26.67 -8.44
N ALA A 90 -12.06 25.83 -8.50
CA ALA A 90 -12.79 25.65 -9.75
C ALA A 90 -13.66 26.85 -10.06
N ALA A 91 -14.27 27.45 -9.03
CA ALA A 91 -15.09 28.64 -9.25
C ALA A 91 -14.27 29.77 -9.86
N TYR A 92 -13.02 29.93 -9.41
CA TYR A 92 -12.16 30.98 -9.95
C TYR A 92 -11.76 30.67 -11.39
N ALA A 93 -11.43 29.40 -11.67
CA ALA A 93 -10.97 29.04 -13.00
C ALA A 93 -12.07 29.24 -14.05
N PHE A 94 -13.33 28.99 -13.68
CA PHE A 94 -14.43 29.15 -14.63
C PHE A 94 -14.99 30.56 -14.67
N PHE A 95 -14.93 31.30 -13.54
CA PHE A 95 -15.31 32.70 -13.56
C PHE A 95 -14.35 33.52 -14.42
N LYS A 96 -13.05 33.40 -14.14
CA LYS A 96 -12.05 34.12 -14.91
C LYS A 96 -12.08 33.71 -16.38
N GLY A 97 -12.06 32.41 -16.64
CA GLY A 97 -12.09 31.90 -17.99
C GLY A 97 -10.70 31.65 -18.54
N GLY A 98 -10.60 30.69 -19.46
CA GLY A 98 -9.34 30.33 -20.07
C GLY A 98 -8.30 29.82 -19.09
N CYS A 99 -8.64 28.76 -18.37
CA CYS A 99 -7.77 28.14 -17.37
C CYS A 99 -7.58 26.67 -17.75
N LYS A 100 -6.58 26.40 -18.58
CA LYS A 100 -6.34 25.03 -19.03
C LYS A 100 -5.88 24.11 -17.90
N TRP A 101 -5.40 24.67 -16.79
CA TRP A 101 -4.93 23.84 -15.68
C TRP A 101 -6.07 23.14 -14.95
N ILE A 102 -7.32 23.51 -15.21
CA ILE A 102 -8.45 22.89 -14.52
C ILE A 102 -8.93 21.61 -15.19
N ARG A 103 -8.42 21.29 -16.39
CA ARG A 103 -8.92 20.17 -17.17
C ARG A 103 -8.88 18.86 -16.39
N THR A 104 -7.68 18.33 -16.18
CA THR A 104 -7.56 17.08 -15.44
C THR A 104 -8.12 17.17 -14.02
N PRO A 105 -7.92 18.25 -13.25
CA PRO A 105 -8.58 18.31 -11.92
C PRO A 105 -10.10 18.24 -12.00
N ALA A 106 -10.74 19.02 -12.89
CA ALA A 106 -12.20 19.01 -12.95
C ALA A 106 -12.73 17.67 -13.45
N ILE A 107 -11.99 17.00 -14.33
CA ILE A 107 -12.38 15.66 -14.75
C ILE A 107 -12.40 14.71 -13.55
N ILE A 108 -11.37 14.80 -12.70
CA ILE A 108 -11.32 13.96 -11.51
C ILE A 108 -12.52 14.24 -10.60
N TYR A 109 -12.86 15.52 -10.43
CA TYR A 109 -14.03 15.88 -9.64
C TYR A 109 -15.31 15.35 -10.28
N SER A 110 -15.46 15.49 -11.60
CA SER A 110 -16.69 15.07 -12.26
C SER A 110 -16.95 13.59 -12.05
N VAL A 111 -15.96 12.75 -12.37
CA VAL A 111 -16.14 11.30 -12.25
C VAL A 111 -16.41 10.94 -10.79
N HIS A 112 -15.70 11.56 -9.86
CA HIS A 112 -15.86 11.24 -8.45
C HIS A 112 -17.27 11.56 -7.98
N THR A 113 -17.75 12.77 -8.31
CA THR A 113 -19.08 13.18 -7.87
C THR A 113 -20.17 12.34 -8.54
N MET A 114 -20.07 12.13 -9.86
CA MET A 114 -21.03 11.28 -10.55
C MET A 114 -21.09 9.90 -9.91
N THR A 115 -19.93 9.34 -9.58
CA THR A 115 -19.88 8.00 -8.99
C THR A 115 -20.50 7.97 -7.60
N THR A 116 -20.34 9.05 -6.83
CA THR A 116 -20.98 9.09 -5.52
C THR A 116 -22.50 9.17 -5.64
N LEU A 117 -23.02 9.83 -6.68
CA LEU A 117 -24.46 10.05 -6.80
C LEU A 117 -25.20 8.84 -7.37
N ILE A 118 -24.51 7.95 -8.08
CA ILE A 118 -25.17 6.78 -8.66
C ILE A 118 -25.83 5.91 -7.59
N PRO A 119 -25.15 5.51 -6.51
CA PRO A 119 -25.86 4.73 -5.48
C PRO A 119 -26.91 5.53 -4.74
N ILE A 120 -26.73 6.85 -4.60
CA ILE A 120 -27.72 7.68 -3.92
C ILE A 120 -29.04 7.67 -4.69
N LEU A 121 -28.98 7.98 -5.98
CA LEU A 121 -30.21 8.03 -6.78
C LEU A 121 -30.84 6.65 -6.93
N SER A 122 -30.02 5.62 -7.08
CA SER A 122 -30.56 4.28 -7.26
C SER A 122 -31.25 3.79 -5.99
N THR A 123 -30.71 4.14 -4.83
CA THR A 123 -31.36 3.77 -3.57
C THR A 123 -32.71 4.47 -3.43
N LEU A 124 -32.77 5.77 -3.75
CA LEU A 124 -34.03 6.50 -3.64
C LEU A 124 -35.08 5.91 -4.56
N LEU A 125 -34.69 5.51 -5.76
CA LEU A 125 -35.63 5.06 -6.77
C LEU A 125 -36.11 3.62 -6.52
N LEU A 126 -35.20 2.71 -6.21
CA LEU A 126 -35.49 1.27 -6.22
C LEU A 126 -35.48 0.59 -4.87
N ASP A 127 -34.87 1.18 -3.84
CA ASP A 127 -34.76 0.48 -2.57
C ASP A 127 -36.10 0.48 -1.83
N ASP A 128 -36.18 -0.32 -0.78
CA ASP A 128 -37.39 -0.48 0.02
C ASP A 128 -37.17 0.12 1.40
N PHE A 129 -38.07 1.01 1.81
CA PHE A 129 -37.97 1.65 3.12
C PHE A 129 -39.19 1.34 3.98
N SER A 130 -39.57 0.07 4.05
CA SER A 130 -40.79 -0.31 4.75
C SER A 130 -40.49 -0.95 6.10
N LYS A 131 -39.99 -2.18 6.07
CA LYS A 131 -39.69 -2.92 7.28
C LYS A 131 -38.20 -2.81 7.61
N ARG A 136 -36.75 0.32 9.12
CA ARG A 136 -35.43 0.92 8.98
C ARG A 136 -35.53 2.44 8.96
N GLY A 137 -36.48 2.99 9.72
CA GLY A 137 -36.72 4.41 9.73
C GLY A 137 -37.63 4.85 8.60
N GLN A 138 -37.90 6.15 8.58
CA GLN A 138 -38.77 6.72 7.56
C GLN A 138 -38.11 6.68 6.19
N GLY A 139 -38.94 6.64 5.15
CA GLY A 139 -38.47 6.62 3.79
C GLY A 139 -39.60 6.86 2.80
N PRO A 140 -39.24 7.06 1.53
CA PRO A 140 -40.28 7.27 0.51
C PRO A 140 -41.09 6.01 0.26
N LYS A 141 -42.40 6.18 0.16
CA LYS A 141 -43.33 5.10 -0.15
C LYS A 141 -43.90 5.21 -1.55
N THR A 142 -44.46 6.37 -1.90
CA THR A 142 -45.07 6.59 -3.19
C THR A 142 -44.02 6.98 -4.23
N PHE A 143 -44.37 6.77 -5.50
CA PHE A 143 -43.48 7.19 -6.58
C PHE A 143 -43.31 8.70 -6.61
N GLN A 144 -44.35 9.46 -6.25
CA GLN A 144 -44.22 10.91 -6.18
C GLN A 144 -43.22 11.31 -5.11
N GLU A 145 -43.20 10.61 -3.97
CA GLU A 145 -42.25 10.95 -2.92
C GLU A 145 -40.82 10.66 -3.36
N ARG A 146 -40.59 9.54 -4.05
CA ARG A 146 -39.25 9.25 -4.55
C ARG A 146 -38.84 10.25 -5.62
N LEU A 147 -39.81 10.73 -6.40
CA LEU A 147 -39.50 11.70 -7.45
C LEU A 147 -39.02 13.02 -6.87
N PHE A 148 -39.67 13.50 -5.80
CA PHE A 148 -39.24 14.74 -5.17
C PHE A 148 -37.83 14.61 -4.62
N LEU A 149 -37.51 13.49 -3.99
CA LEU A 149 -36.17 13.29 -3.43
C LEU A 149 -35.12 13.18 -4.53
N ILE A 150 -35.48 12.62 -5.68
CA ILE A 150 -34.52 12.56 -6.78
C ILE A 150 -34.26 13.96 -7.32
N SER A 151 -35.27 14.84 -7.28
CA SER A 151 -35.09 16.18 -7.80
C SER A 151 -34.06 16.98 -7.02
N VAL A 152 -33.93 16.73 -5.70
CA VAL A 152 -32.97 17.49 -4.90
C VAL A 152 -31.58 16.90 -4.91
N TYR A 153 -31.40 15.69 -5.47
CA TYR A 153 -30.07 15.09 -5.60
C TYR A 153 -29.59 15.02 -7.03
N ILE A 154 -30.48 15.13 -8.02
CA ILE A 154 -30.13 14.95 -9.42
C ILE A 154 -29.21 16.05 -9.96
N PRO A 155 -29.28 17.31 -9.49
CA PRO A 155 -28.35 18.31 -10.08
C PRO A 155 -26.89 17.99 -9.84
N TYR A 156 -26.57 17.37 -8.70
CA TYR A 156 -25.20 17.00 -8.37
C TYR A 156 -24.70 15.80 -9.16
N PHE A 157 -25.51 15.27 -10.07
CA PHE A 157 -25.07 14.29 -11.06
C PHE A 157 -25.02 14.86 -12.46
N LEU A 158 -25.99 15.69 -12.83
CA LEU A 158 -26.05 16.22 -14.19
C LEU A 158 -24.98 17.27 -14.41
N ILE A 159 -24.82 18.20 -13.46
CA ILE A 159 -23.84 19.26 -13.64
C ILE A 159 -22.41 18.73 -13.73
N PRO A 160 -21.96 17.83 -12.84
CA PRO A 160 -20.66 17.19 -13.07
C PRO A 160 -20.57 16.42 -14.38
N LEU A 161 -21.65 15.78 -14.81
CA LEU A 161 -21.63 15.08 -16.09
C LEU A 161 -21.42 16.05 -17.25
N ILE A 162 -22.11 17.20 -17.22
CA ILE A 162 -21.90 18.24 -18.23
C ILE A 162 -20.47 18.76 -18.16
N LEU A 163 -19.92 18.89 -16.95
CA LEU A 163 -18.54 19.31 -16.80
C LEU A 163 -17.58 18.30 -17.41
N LEU A 164 -17.81 17.00 -17.18
CA LEU A 164 -16.94 15.98 -17.76
C LEU A 164 -16.97 16.04 -19.27
N LEU A 165 -18.17 16.13 -19.85
CA LEU A 165 -18.28 16.27 -21.30
C LEU A 165 -17.68 17.59 -21.77
N PHE A 166 -17.69 18.61 -20.91
CA PHE A 166 -17.14 19.91 -21.29
C PHE A 166 -15.62 19.91 -21.29
N MET A 167 -14.99 19.08 -20.46
CA MET A 167 -13.54 19.05 -20.38
C MET A 167 -12.90 17.99 -21.26
N VAL A 168 -13.66 16.96 -21.66
CA VAL A 168 -13.08 15.87 -22.43
C VAL A 168 -12.65 16.34 -23.81
N ARG A 169 -13.44 17.23 -24.43
CA ARG A 169 -13.17 17.57 -25.83
C ARG A 169 -13.25 19.07 -26.14
N ASN A 170 -13.13 19.94 -25.13
CA ASN A 170 -12.98 21.37 -25.38
C ASN A 170 -11.54 21.70 -25.71
N PRO A 171 -11.22 22.14 -26.93
CA PRO A 171 -9.82 22.44 -27.27
C PRO A 171 -9.24 23.63 -26.52
N TYR A 172 -10.07 24.46 -25.87
CA TYR A 172 -9.57 25.59 -25.10
C TYR A 172 -8.98 25.17 -23.76
N TYR A 173 -9.03 23.88 -23.42
CA TYR A 173 -8.49 23.39 -22.15
C TYR A 173 -7.45 22.30 -22.30
N LYS A 174 -7.22 21.80 -23.52
CA LYS A 174 -6.25 20.73 -23.74
C LYS A 174 -4.84 21.29 -23.95
N THR B 9 13.48 6.08 -16.59
CA THR B 9 12.56 4.99 -16.31
C THR B 9 11.97 4.40 -17.60
N LEU B 10 12.66 3.39 -18.16
CA LEU B 10 12.17 2.68 -19.33
C LEU B 10 11.95 1.19 -19.09
N GLY B 11 12.62 0.58 -18.13
CA GLY B 11 12.35 -0.79 -17.77
C GLY B 11 11.29 -0.88 -16.72
N ALA B 12 11.35 0.02 -15.73
CA ALA B 12 10.30 0.08 -14.71
C ALA B 12 9.00 0.63 -15.27
N ARG B 13 9.08 1.47 -16.30
CA ARG B 13 7.86 1.98 -16.93
C ARG B 13 7.16 0.90 -17.72
N ARG B 14 7.92 0.07 -18.44
CA ARG B 14 7.31 -1.02 -19.21
C ARG B 14 6.81 -2.13 -18.29
N GLY B 15 7.56 -2.42 -17.23
CA GLY B 15 7.10 -3.41 -16.27
C GLY B 15 5.79 -3.02 -15.60
N LEU B 16 5.57 -1.73 -15.38
CA LEU B 16 4.29 -1.28 -14.88
C LEU B 16 3.20 -1.46 -15.93
N GLU B 17 3.55 -1.28 -17.21
CA GLU B 17 2.57 -1.47 -18.27
C GLU B 17 2.18 -2.94 -18.41
N TRP B 18 3.13 -3.86 -18.24
CA TRP B 18 2.79 -5.28 -18.23
C TRP B 18 1.91 -5.62 -17.04
N PHE B 19 2.22 -5.05 -15.87
CA PHE B 19 1.41 -5.32 -14.69
C PHE B 19 -0.01 -4.81 -14.87
N LEU B 20 -0.17 -3.59 -15.43
CA LEU B 20 -1.50 -3.06 -15.66
C LEU B 20 -2.25 -3.91 -16.68
N GLY B 21 -1.56 -4.40 -17.71
CA GLY B 21 -2.21 -5.22 -18.71
C GLY B 21 -2.82 -6.48 -18.14
N PHE B 22 -2.09 -7.17 -17.27
CA PHE B 22 -2.64 -8.38 -16.64
C PHE B 22 -3.74 -8.03 -15.64
N TYR B 23 -3.69 -6.84 -15.03
CA TYR B 23 -4.77 -6.45 -14.13
C TYR B 23 -6.08 -6.28 -14.88
N PHE B 24 -6.04 -5.66 -16.06
CA PHE B 24 -7.26 -5.49 -16.85
C PHE B 24 -7.65 -6.77 -17.57
N LEU B 25 -6.68 -7.65 -17.85
CA LEU B 25 -6.99 -8.92 -18.48
C LEU B 25 -7.66 -9.86 -17.48
N SER B 26 -7.03 -10.06 -16.32
CA SER B 26 -7.59 -10.94 -15.31
C SER B 26 -8.87 -10.41 -14.69
N HIS B 27 -9.18 -9.13 -14.89
CA HIS B 27 -10.42 -8.57 -14.36
C HIS B 27 -11.64 -9.05 -15.15
N ILE B 28 -11.45 -9.49 -16.38
CA ILE B 28 -12.55 -9.93 -17.24
C ILE B 28 -13.13 -11.25 -16.72
N PRO B 29 -12.33 -12.27 -16.40
CA PRO B 29 -12.94 -13.46 -15.79
C PRO B 29 -13.52 -13.19 -14.41
N ILE B 30 -12.86 -12.34 -13.61
CA ILE B 30 -13.31 -12.07 -12.25
C ILE B 30 -14.66 -11.37 -12.27
N THR B 31 -14.79 -10.33 -13.09
CA THR B 31 -16.06 -9.62 -13.21
C THR B 31 -17.14 -10.54 -13.76
N LEU B 32 -16.84 -11.26 -14.84
CA LEU B 32 -17.86 -12.07 -15.50
C LEU B 32 -18.30 -13.25 -14.63
N LEU B 33 -17.34 -13.97 -14.06
CA LEU B 33 -17.66 -15.25 -13.44
C LEU B 33 -18.00 -15.13 -11.96
N MET B 34 -17.50 -14.12 -11.27
CA MET B 34 -17.69 -14.05 -9.83
C MET B 34 -18.46 -12.82 -9.37
N ASP B 35 -18.23 -11.67 -9.99
CA ASP B 35 -18.82 -10.44 -9.47
C ASP B 35 -20.24 -10.25 -9.96
N LEU B 36 -20.47 -10.38 -11.26
CA LEU B 36 -21.77 -10.09 -11.85
C LEU B 36 -22.84 -11.10 -11.45
N GLN B 37 -22.48 -12.09 -10.63
CA GLN B 37 -23.48 -13.02 -10.11
C GLN B 37 -24.49 -12.33 -9.21
N GLY B 38 -24.13 -11.17 -8.65
CA GLY B 38 -25.03 -10.41 -7.79
C GLY B 38 -26.09 -9.59 -8.50
N VAL B 39 -25.97 -9.39 -9.82
CA VAL B 39 -26.95 -8.62 -10.57
C VAL B 39 -27.55 -9.43 -11.72
N LEU B 40 -26.75 -10.25 -12.37
CA LEU B 40 -27.26 -11.06 -13.47
C LEU B 40 -28.03 -12.27 -12.92
N PRO B 41 -28.99 -12.79 -13.69
CA PRO B 41 -29.76 -13.95 -13.20
C PRO B 41 -28.86 -15.14 -12.95
N ARG B 42 -29.23 -15.90 -11.91
CA ARG B 42 -28.45 -17.09 -11.55
C ARG B 42 -28.49 -18.16 -12.62
N ASP B 43 -29.48 -18.12 -13.53
CA ASP B 43 -29.62 -19.12 -14.57
C ASP B 43 -28.61 -18.95 -15.69
N LEU B 44 -27.88 -17.83 -15.72
CA LEU B 44 -26.80 -17.67 -16.69
C LEU B 44 -25.51 -18.33 -16.23
N TYR B 45 -25.41 -18.73 -14.96
CA TYR B 45 -24.21 -19.27 -14.37
C TYR B 45 -24.37 -20.75 -14.05
N PRO B 46 -23.36 -21.58 -14.37
CA PRO B 46 -23.45 -23.00 -14.02
C PRO B 46 -23.50 -23.20 -12.51
N VAL B 47 -23.86 -24.42 -12.11
CA VAL B 47 -23.96 -24.74 -10.69
C VAL B 47 -22.61 -24.64 -10.01
N GLU B 48 -21.53 -24.98 -10.72
CA GLU B 48 -20.21 -24.96 -10.12
C GLU B 48 -19.79 -23.53 -9.76
N LEU B 49 -20.01 -22.59 -10.67
CA LEU B 49 -19.62 -21.21 -10.39
C LEU B 49 -20.45 -20.61 -9.26
N ARG B 50 -21.73 -20.99 -9.20
CA ARG B 50 -22.58 -20.49 -8.12
C ARG B 50 -22.13 -21.03 -6.77
N ASN B 51 -21.75 -22.31 -6.72
CA ASN B 51 -21.27 -22.87 -5.46
C ASN B 51 -19.90 -22.32 -5.10
N LEU B 52 -19.11 -21.92 -6.10
CA LEU B 52 -17.81 -21.31 -5.82
C LEU B 52 -17.97 -19.98 -5.11
N GLN B 53 -18.98 -19.20 -5.50
CA GLN B 53 -19.19 -17.91 -4.84
C GLN B 53 -19.69 -18.09 -3.42
N GLN B 54 -20.50 -19.12 -3.16
CA GLN B 54 -20.94 -19.40 -1.80
C GLN B 54 -19.77 -19.84 -0.92
N TRP B 55 -18.78 -20.52 -1.51
CA TRP B 55 -17.58 -20.86 -0.75
C TRP B 55 -16.87 -19.60 -0.29
N TYR B 56 -16.68 -18.65 -1.21
CA TYR B 56 -16.05 -17.38 -0.85
C TYR B 56 -16.83 -16.65 0.23
N ILE B 57 -18.16 -16.64 0.11
CA ILE B 57 -19.00 -15.90 1.06
C ILE B 57 -18.84 -16.46 2.46
N GLU B 58 -18.85 -17.79 2.61
CA GLU B 58 -18.72 -18.41 3.92
C GLU B 58 -17.27 -18.44 4.40
N GLU B 59 -16.29 -18.39 3.49
CA GLU B 59 -14.89 -18.37 3.88
C GLU B 59 -14.45 -17.00 4.37
N PHE B 60 -14.88 -15.94 3.69
CA PHE B 60 -14.48 -14.58 4.01
C PHE B 60 -15.57 -13.78 4.72
N LYS B 61 -16.75 -14.37 4.94
CA LYS B 61 -17.87 -13.71 5.61
C LYS B 61 -18.21 -12.38 4.94
N ASP B 62 -18.34 -12.42 3.61
CA ASP B 62 -18.65 -11.23 2.83
C ASP B 62 -20.13 -10.89 2.96
N PRO B 63 -20.50 -9.72 3.47
CA PRO B 63 -21.92 -9.37 3.54
C PRO B 63 -22.46 -8.63 2.33
N LEU B 64 -21.60 -8.24 1.39
CA LEU B 64 -22.03 -7.45 0.24
C LEU B 64 -22.44 -8.33 -0.94
N LEU B 65 -21.62 -9.33 -1.26
CA LEU B 65 -21.91 -10.15 -2.44
C LEU B 65 -23.11 -11.07 -2.22
N GLN B 66 -23.34 -11.48 -0.97
CA GLN B 66 -24.57 -12.18 -0.61
C GLN B 66 -25.58 -11.17 -0.07
N THR B 67 -26.82 -11.27 -0.55
CA THR B 67 -27.86 -10.27 -0.29
C THR B 67 -27.30 -8.87 -0.59
N PRO B 68 -27.08 -8.53 -1.85
CA PRO B 68 -26.39 -7.27 -2.17
C PRO B 68 -27.29 -6.07 -1.98
N PRO B 69 -26.81 -5.02 -1.33
CA PRO B 69 -27.62 -3.82 -1.15
C PRO B 69 -27.73 -3.03 -2.46
N ALA B 70 -28.69 -2.11 -2.46
CA ALA B 70 -28.97 -1.34 -3.67
C ALA B 70 -27.79 -0.47 -4.07
N TRP B 71 -27.09 0.10 -3.08
CA TRP B 71 -25.91 0.91 -3.40
C TRP B 71 -24.77 0.06 -3.93
N PHE B 72 -24.63 -1.17 -3.44
CA PHE B 72 -23.61 -2.07 -3.99
C PHE B 72 -24.01 -2.60 -5.35
N LYS B 73 -25.31 -2.84 -5.56
CA LYS B 73 -25.79 -3.29 -6.86
C LYS B 73 -25.65 -2.22 -7.93
N SER B 74 -25.68 -0.94 -7.54
CA SER B 74 -25.42 0.11 -8.51
C SER B 74 -23.99 0.06 -9.00
N PHE B 75 -23.04 -0.25 -8.12
CA PHE B 75 -21.64 -0.34 -8.54
C PHE B 75 -21.40 -1.56 -9.41
N LEU B 76 -22.09 -2.67 -9.13
CA LEU B 76 -21.96 -3.85 -9.96
C LEU B 76 -22.53 -3.61 -11.35
N PHE B 77 -23.61 -2.83 -11.45
CA PHE B 77 -24.11 -2.46 -12.78
C PHE B 77 -23.13 -1.52 -13.48
N CYS B 78 -22.50 -0.61 -12.73
CA CYS B 78 -21.46 0.23 -13.32
C CYS B 78 -20.29 -0.60 -13.81
N GLU B 79 -19.98 -1.70 -13.12
CA GLU B 79 -18.92 -2.59 -13.56
C GLU B 79 -19.27 -3.28 -14.88
N LEU B 80 -20.55 -3.59 -15.09
CA LEU B 80 -20.96 -4.30 -16.30
C LEU B 80 -21.02 -3.36 -17.50
N VAL B 81 -21.59 -2.18 -17.32
CA VAL B 81 -21.84 -1.29 -18.46
C VAL B 81 -20.62 -0.45 -18.80
N PHE B 82 -19.82 -0.06 -17.81
CA PHE B 82 -18.70 0.85 -18.01
C PHE B 82 -17.35 0.17 -17.88
N GLN B 83 -17.09 -0.48 -16.75
CA GLN B 83 -15.75 -1.00 -16.48
C GLN B 83 -15.43 -2.20 -17.37
N LEU B 84 -16.34 -3.16 -17.46
CA LEU B 84 -16.09 -4.36 -18.24
C LEU B 84 -15.74 -4.08 -19.70
N PRO B 85 -16.43 -3.18 -20.43
CA PRO B 85 -16.00 -2.90 -21.81
C PRO B 85 -14.62 -2.27 -21.89
N PHE B 86 -14.19 -1.54 -20.85
CA PHE B 86 -12.89 -0.88 -20.88
C PHE B 86 -11.73 -1.83 -20.61
N PHE B 87 -11.97 -2.95 -19.91
CA PHE B 87 -10.89 -3.89 -19.63
C PHE B 87 -10.18 -4.39 -20.89
N PRO B 88 -10.88 -4.84 -21.95
CA PRO B 88 -10.14 -5.32 -23.13
C PRO B 88 -9.37 -4.21 -23.84
N ILE B 89 -9.93 -3.01 -23.91
CA ILE B 89 -9.23 -1.91 -24.55
C ILE B 89 -8.01 -1.50 -23.73
N ALA B 90 -8.14 -1.55 -22.41
CA ALA B 90 -7.03 -1.11 -21.55
C ALA B 90 -5.87 -2.10 -21.60
N ALA B 91 -6.18 -3.40 -21.65
CA ALA B 91 -5.11 -4.39 -21.69
C ALA B 91 -4.28 -4.27 -22.96
N TYR B 92 -4.94 -4.00 -24.10
CA TYR B 92 -4.21 -3.87 -25.36
C TYR B 92 -3.25 -2.69 -25.32
N ALA B 93 -3.72 -1.53 -24.84
CA ALA B 93 -2.89 -0.33 -24.87
C ALA B 93 -1.67 -0.47 -23.96
N PHE B 94 -1.86 -1.00 -22.76
CA PHE B 94 -0.72 -1.14 -21.84
C PHE B 94 0.20 -2.28 -22.25
N PHE B 95 -0.35 -3.33 -22.88
CA PHE B 95 0.53 -4.36 -23.43
C PHE B 95 1.32 -3.84 -24.62
N LYS B 96 0.67 -3.07 -25.49
CA LYS B 96 1.37 -2.51 -26.66
C LYS B 96 2.36 -1.43 -26.24
N GLY B 97 1.87 -0.43 -25.52
CA GLY B 97 2.69 0.67 -25.02
C GLY B 97 2.66 1.87 -25.95
N GLY B 98 2.81 3.05 -25.36
CA GLY B 98 2.85 4.29 -26.10
C GLY B 98 1.50 4.82 -26.54
N CYS B 99 0.40 4.17 -26.16
CA CYS B 99 -0.94 4.60 -26.55
C CYS B 99 -1.35 5.80 -25.70
N LYS B 100 -1.10 6.99 -26.23
CA LYS B 100 -1.48 8.21 -25.52
C LYS B 100 -2.97 8.42 -25.45
N TRP B 101 -3.76 7.70 -26.25
CA TRP B 101 -5.20 7.88 -26.25
C TRP B 101 -5.88 7.29 -25.02
N ILE B 102 -5.15 6.54 -24.19
CA ILE B 102 -5.75 5.89 -23.03
C ILE B 102 -5.59 6.70 -21.76
N ARG B 103 -4.90 7.84 -21.80
CA ARG B 103 -4.66 8.62 -20.59
C ARG B 103 -5.97 9.08 -19.95
N THR B 104 -6.73 9.90 -20.68
CA THR B 104 -8.01 10.38 -20.14
C THR B 104 -8.99 9.25 -19.83
N PRO B 105 -9.17 8.22 -20.68
CA PRO B 105 -10.04 7.11 -20.27
C PRO B 105 -9.58 6.40 -19.00
N ALA B 106 -8.26 6.26 -18.81
CA ALA B 106 -7.76 5.58 -17.62
C ALA B 106 -7.98 6.43 -16.37
N ILE B 107 -7.89 7.75 -16.51
CA ILE B 107 -8.18 8.63 -15.37
C ILE B 107 -9.64 8.52 -14.98
N ILE B 108 -10.52 8.41 -15.97
CA ILE B 108 -11.95 8.23 -15.67
C ILE B 108 -12.18 6.90 -14.96
N TYR B 109 -11.54 5.83 -15.44
CA TYR B 109 -11.70 4.53 -14.79
C TYR B 109 -11.12 4.54 -13.38
N SER B 110 -9.94 5.15 -13.20
CA SER B 110 -9.27 5.10 -11.90
C SER B 110 -10.08 5.80 -10.81
N VAL B 111 -10.55 7.02 -11.10
CA VAL B 111 -11.33 7.76 -10.11
C VAL B 111 -12.64 7.04 -9.84
N HIS B 112 -13.22 6.44 -10.87
CA HIS B 112 -14.50 5.75 -10.71
C HIS B 112 -14.36 4.55 -9.78
N THR B 113 -13.36 3.71 -10.03
CA THR B 113 -13.20 2.51 -9.21
C THR B 113 -12.80 2.85 -7.79
N MET B 114 -11.90 3.83 -7.62
CA MET B 114 -11.51 4.24 -6.28
C MET B 114 -12.70 4.77 -5.51
N THR B 115 -13.57 5.52 -6.19
CA THR B 115 -14.73 6.10 -5.51
C THR B 115 -15.73 5.03 -5.09
N THR B 116 -15.86 3.96 -5.88
CA THR B 116 -16.79 2.91 -5.51
C THR B 116 -16.34 2.15 -4.28
N LEU B 117 -15.02 2.08 -4.04
CA LEU B 117 -14.51 1.19 -3.00
C LEU B 117 -14.29 1.87 -1.66
N ILE B 118 -14.25 3.20 -1.62
CA ILE B 118 -14.21 3.90 -0.33
C ILE B 118 -15.41 3.54 0.53
N PRO B 119 -16.66 3.58 0.05
CA PRO B 119 -17.77 3.12 0.90
C PRO B 119 -17.74 1.63 1.13
N ILE B 120 -17.23 0.85 0.19
CA ILE B 120 -17.15 -0.59 0.36
C ILE B 120 -16.18 -0.94 1.49
N LEU B 121 -14.99 -0.34 1.47
CA LEU B 121 -14.03 -0.60 2.53
C LEU B 121 -14.46 0.00 3.87
N SER B 122 -15.15 1.15 3.84
CA SER B 122 -15.64 1.75 5.07
C SER B 122 -16.77 0.95 5.70
N THR B 123 -17.56 0.26 4.87
CA THR B 123 -18.63 -0.59 5.39
C THR B 123 -18.05 -1.81 6.10
N LEU B 124 -17.06 -2.45 5.49
CA LEU B 124 -16.50 -3.66 6.08
C LEU B 124 -15.72 -3.35 7.35
N LEU B 125 -15.11 -2.17 7.42
CA LEU B 125 -14.26 -1.84 8.54
C LEU B 125 -15.05 -1.29 9.72
N LEU B 126 -16.10 -0.50 9.47
CA LEU B 126 -16.75 0.25 10.53
C LEU B 126 -18.22 -0.10 10.75
N ASP B 127 -18.95 -0.48 9.71
CA ASP B 127 -20.37 -0.77 9.87
C ASP B 127 -20.56 -2.01 10.75
N ASP B 128 -21.67 -2.02 11.50
CA ASP B 128 -21.92 -3.07 12.46
C ASP B 128 -22.70 -4.21 11.81
N PHE B 129 -22.22 -5.44 12.02
CA PHE B 129 -22.86 -6.64 11.50
C PHE B 129 -23.50 -7.47 12.61
N SER B 130 -23.95 -6.83 13.67
CA SER B 130 -24.57 -7.50 14.79
C SER B 130 -26.01 -7.91 14.45
N LYS B 131 -26.67 -8.55 15.41
CA LYS B 131 -28.03 -9.00 15.18
C LYS B 131 -29.00 -7.84 15.03
N ALA B 132 -28.74 -6.72 15.70
CA ALA B 132 -29.62 -5.55 15.58
C ALA B 132 -29.56 -4.96 14.18
N SER B 133 -28.42 -5.05 13.51
CA SER B 133 -28.29 -4.46 12.17
C SER B 133 -29.12 -5.24 11.16
N HIS B 134 -29.40 -4.57 10.04
CA HIS B 134 -30.20 -5.19 8.97
C HIS B 134 -29.53 -6.41 8.35
N PHE B 135 -28.21 -6.52 8.46
CA PHE B 135 -27.52 -7.69 7.90
C PHE B 135 -27.98 -8.98 8.56
N ARG B 136 -28.29 -8.92 9.86
CA ARG B 136 -28.94 -10.00 10.58
C ARG B 136 -28.11 -11.29 10.55
N GLY B 137 -26.89 -11.19 11.06
CA GLY B 137 -26.09 -12.38 11.27
C GLY B 137 -24.84 -12.49 10.42
N GLN B 138 -24.95 -12.24 9.11
CA GLN B 138 -23.81 -12.39 8.20
C GLN B 138 -22.87 -11.20 8.30
N GLY B 139 -21.59 -11.46 8.01
CA GLY B 139 -20.57 -10.43 8.06
C GLY B 139 -19.47 -10.74 9.04
N PRO B 140 -18.37 -9.99 8.96
CA PRO B 140 -17.24 -10.22 9.87
C PRO B 140 -17.55 -9.73 11.28
N LYS B 141 -17.19 -10.55 12.26
CA LYS B 141 -17.43 -10.24 13.67
C LYS B 141 -16.20 -9.74 14.40
N THR B 142 -15.01 -10.20 14.04
CA THR B 142 -13.78 -9.76 14.69
C THR B 142 -13.04 -8.78 13.78
N PHE B 143 -11.94 -8.25 14.29
CA PHE B 143 -11.11 -7.34 13.49
C PHE B 143 -10.25 -8.11 12.50
N GLN B 144 -9.78 -9.31 12.89
CA GLN B 144 -8.99 -10.11 11.97
C GLN B 144 -9.82 -10.55 10.77
N GLU B 145 -11.11 -10.81 10.99
CA GLU B 145 -11.99 -11.13 9.88
C GLU B 145 -12.22 -9.92 8.97
N ARG B 146 -12.24 -8.71 9.54
CA ARG B 146 -12.42 -7.53 8.71
C ARG B 146 -11.22 -7.27 7.82
N LEU B 147 -10.00 -7.49 8.35
CA LEU B 147 -8.82 -7.40 7.51
C LEU B 147 -8.81 -8.49 6.44
N PHE B 148 -9.25 -9.69 6.81
CA PHE B 148 -9.27 -10.80 5.86
C PHE B 148 -10.17 -10.48 4.67
N LEU B 149 -11.31 -9.84 4.93
CA LEU B 149 -12.23 -9.46 3.86
C LEU B 149 -11.75 -8.22 3.11
N ILE B 150 -11.12 -7.28 3.80
CA ILE B 150 -10.64 -6.06 3.15
C ILE B 150 -9.52 -6.38 2.17
N SER B 151 -8.69 -7.36 2.50
CA SER B 151 -7.58 -7.73 1.63
C SER B 151 -8.06 -8.21 0.26
N VAL B 152 -9.31 -8.66 0.15
CA VAL B 152 -9.84 -9.08 -1.14
C VAL B 152 -10.25 -7.87 -1.97
N TYR B 153 -10.68 -6.79 -1.34
CA TYR B 153 -11.15 -5.62 -2.06
C TYR B 153 -10.06 -4.58 -2.27
N ILE B 154 -9.05 -4.55 -1.40
CA ILE B 154 -8.03 -3.51 -1.42
C ILE B 154 -7.20 -3.49 -2.71
N PRO B 155 -7.01 -4.60 -3.45
CA PRO B 155 -6.27 -4.44 -4.72
C PRO B 155 -6.96 -3.52 -5.71
N TYR B 156 -8.29 -3.50 -5.73
CA TYR B 156 -9.01 -2.70 -6.71
C TYR B 156 -9.10 -1.24 -6.33
N PHE B 157 -8.49 -0.84 -5.22
CA PHE B 157 -8.28 0.56 -4.89
C PHE B 157 -6.84 1.00 -5.07
N LEU B 158 -5.88 0.13 -4.75
CA LEU B 158 -4.47 0.50 -4.86
C LEU B 158 -4.02 0.56 -6.31
N ILE B 159 -4.36 -0.46 -7.10
CA ILE B 159 -3.94 -0.49 -8.50
C ILE B 159 -4.55 0.66 -9.30
N PRO B 160 -5.84 0.96 -9.19
CA PRO B 160 -6.35 2.19 -9.83
C PRO B 160 -5.72 3.46 -9.30
N LEU B 161 -5.25 3.47 -8.06
CA LEU B 161 -4.54 4.65 -7.57
C LEU B 161 -3.16 4.76 -8.20
N ILE B 162 -2.45 3.63 -8.34
CA ILE B 162 -1.18 3.64 -9.05
C ILE B 162 -1.37 4.13 -10.48
N LEU B 163 -2.42 3.63 -11.15
CA LEU B 163 -2.69 4.06 -12.52
C LEU B 163 -2.99 5.55 -12.57
N LEU B 164 -3.70 6.08 -11.56
CA LEU B 164 -4.05 7.49 -11.58
C LEU B 164 -2.81 8.36 -11.54
N LEU B 165 -1.92 8.11 -10.57
CA LEU B 165 -0.70 8.91 -10.46
C LEU B 165 0.23 8.67 -11.64
N PHE B 166 0.16 7.49 -12.25
CA PHE B 166 0.99 7.19 -13.41
C PHE B 166 0.46 7.88 -14.67
N MET B 167 -0.84 8.14 -14.72
CA MET B 167 -1.42 8.80 -15.90
C MET B 167 -1.26 10.31 -15.84
N VAL B 168 -1.47 10.90 -14.66
CA VAL B 168 -1.48 12.35 -14.55
C VAL B 168 -0.09 12.93 -14.79
N ARG B 169 0.95 12.23 -14.33
CA ARG B 169 2.30 12.78 -14.29
C ARG B 169 3.17 12.40 -15.49
N ASN B 170 3.13 11.15 -15.91
CA ASN B 170 4.10 10.64 -16.89
C ASN B 170 3.99 11.40 -18.20
N PRO B 171 5.07 12.04 -18.67
CA PRO B 171 4.99 12.78 -19.94
C PRO B 171 4.79 11.89 -21.16
N TYR B 172 5.04 10.59 -21.05
CA TYR B 172 4.72 9.68 -22.14
C TYR B 172 3.22 9.58 -22.40
N TYR B 173 2.40 10.17 -21.54
CA TYR B 173 0.96 10.18 -21.71
C TYR B 173 0.41 11.60 -21.54
N LEU C 10 -1.42 -2.07 34.39
CA LEU C 10 -0.11 -1.45 34.64
C LEU C 10 0.08 -0.21 33.78
N GLY C 11 0.53 0.87 34.41
CA GLY C 11 0.87 2.08 33.68
C GLY C 11 2.12 1.94 32.83
N ALA C 12 2.98 0.99 33.16
CA ALA C 12 4.22 0.82 32.40
C ALA C 12 3.96 0.14 31.06
N ARG C 13 3.24 -0.99 31.09
CA ARG C 13 2.94 -1.69 29.83
C ARG C 13 2.05 -0.86 28.93
N ARG C 14 1.01 -0.26 29.49
CA ARG C 14 0.10 0.56 28.68
C ARG C 14 0.83 1.77 28.10
N GLY C 15 1.76 2.33 28.85
CA GLY C 15 2.53 3.46 28.33
C GLY C 15 3.35 3.10 27.12
N LEU C 16 3.94 1.90 27.12
CA LEU C 16 4.66 1.45 25.94
C LEU C 16 3.72 1.18 24.79
N GLU C 17 2.53 0.63 25.07
CA GLU C 17 1.54 0.42 24.01
C GLU C 17 1.09 1.74 23.41
N TRP C 18 0.87 2.76 24.24
CA TRP C 18 0.53 4.08 23.73
C TRP C 18 1.69 4.68 22.95
N PHE C 19 2.91 4.41 23.38
CA PHE C 19 4.07 4.92 22.66
C PHE C 19 4.20 4.25 21.29
N LEU C 20 3.93 2.95 21.22
CA LEU C 20 4.01 2.25 19.94
C LEU C 20 2.95 2.75 18.97
N GLY C 21 1.74 2.98 19.46
CA GLY C 21 0.68 3.48 18.58
C GLY C 21 1.00 4.84 18.00
N PHE C 22 1.55 5.74 18.82
CA PHE C 22 2.00 7.04 18.32
C PHE C 22 3.14 6.86 17.32
N TYR C 23 3.98 5.86 17.52
CA TYR C 23 5.12 5.62 16.63
C TYR C 23 4.67 5.14 15.27
N PHE C 24 3.70 4.22 15.23
CA PHE C 24 3.21 3.72 13.96
C PHE C 24 2.30 4.71 13.24
N LEU C 25 1.58 5.55 14.00
CA LEU C 25 0.75 6.58 13.38
C LEU C 25 1.60 7.65 12.73
N SER C 26 2.62 8.13 13.44
CA SER C 26 3.49 9.17 12.90
C SER C 26 4.38 8.65 11.77
N HIS C 27 4.50 7.33 11.64
CA HIS C 27 5.34 6.77 10.58
C HIS C 27 4.68 6.88 9.22
N ILE C 28 3.37 7.04 9.17
CA ILE C 28 2.65 7.13 7.90
C ILE C 28 2.98 8.44 7.19
N PRO C 29 2.87 9.61 7.82
CA PRO C 29 3.26 10.83 7.10
C PRO C 29 4.75 10.94 6.85
N ILE C 30 5.59 10.39 7.74
CA ILE C 30 7.03 10.47 7.54
C ILE C 30 7.45 9.66 6.31
N THR C 31 6.97 8.42 6.22
CA THR C 31 7.31 7.57 5.08
C THR C 31 6.76 8.16 3.78
N LEU C 32 5.48 8.55 3.79
CA LEU C 32 4.84 8.96 2.55
C LEU C 32 5.38 10.29 2.05
N LEU C 33 5.66 11.23 2.95
CA LEU C 33 6.00 12.59 2.54
C LEU C 33 7.50 12.82 2.42
N MET C 34 8.33 12.02 3.08
CA MET C 34 9.77 12.22 3.04
C MET C 34 10.54 11.01 2.52
N ASP C 35 10.30 9.83 3.09
CA ASP C 35 11.14 8.68 2.76
C ASP C 35 10.93 8.21 1.33
N LEU C 36 9.67 8.06 0.92
CA LEU C 36 9.39 7.51 -0.41
C LEU C 36 9.79 8.44 -1.55
N GLN C 37 10.30 9.64 -1.25
CA GLN C 37 10.83 10.51 -2.30
C GLN C 37 12.09 9.94 -2.93
N GLY C 38 12.73 8.95 -2.31
CA GLY C 38 13.87 8.28 -2.89
C GLY C 38 13.54 7.13 -3.81
N VAL C 39 12.27 6.74 -3.91
CA VAL C 39 11.85 5.69 -4.83
C VAL C 39 10.69 6.11 -5.73
N LEU C 40 9.87 7.04 -5.35
CA LEU C 40 8.75 7.42 -6.19
C LEU C 40 9.10 8.64 -7.04
N PRO C 41 8.51 8.77 -8.23
CA PRO C 41 8.86 9.90 -9.10
C PRO C 41 8.67 11.25 -8.41
N ARG C 42 9.56 12.19 -8.77
CA ARG C 42 9.57 13.50 -8.12
C ARG C 42 8.32 14.31 -8.46
N ASP C 43 7.74 14.09 -9.64
CA ASP C 43 6.55 14.82 -10.06
C ASP C 43 5.37 14.58 -9.13
N LEU C 44 5.33 13.42 -8.46
CA LEU C 44 4.24 13.13 -7.54
C LEU C 44 4.22 14.07 -6.34
N TYR C 45 5.36 14.70 -6.02
CA TYR C 45 5.46 15.57 -4.86
C TYR C 45 5.48 17.03 -5.27
N PRO C 46 4.83 17.91 -4.51
CA PRO C 46 4.93 19.34 -4.79
C PRO C 46 6.35 19.84 -4.56
N VAL C 47 6.66 20.97 -5.21
CA VAL C 47 8.00 21.54 -5.15
C VAL C 47 8.41 21.86 -3.72
N GLU C 48 7.46 22.23 -2.88
CA GLU C 48 7.78 22.57 -1.50
C GLU C 48 8.27 21.36 -0.73
N LEU C 49 7.71 20.18 -0.99
CA LEU C 49 8.17 18.96 -0.33
C LEU C 49 9.52 18.50 -0.88
N ARG C 50 9.75 18.70 -2.17
CA ARG C 50 11.05 18.36 -2.74
C ARG C 50 12.15 19.23 -2.16
N ASN C 51 11.95 20.56 -2.22
CA ASN C 51 12.98 21.47 -1.72
C ASN C 51 13.17 21.37 -0.22
N LEU C 52 12.13 20.96 0.51
CA LEU C 52 12.29 20.72 1.95
C LEU C 52 13.27 19.58 2.20
N GLN C 53 13.07 18.45 1.51
CA GLN C 53 14.01 17.35 1.64
C GLN C 53 15.40 17.74 1.16
N GLN C 54 15.47 18.65 0.19
CA GLN C 54 16.78 19.12 -0.28
C GLN C 54 17.47 19.95 0.80
N TRP C 55 16.71 20.66 1.64
CA TRP C 55 17.30 21.34 2.78
C TRP C 55 17.92 20.35 3.74
N TYR C 56 17.17 19.30 4.11
CA TYR C 56 17.71 18.30 5.04
C TYR C 56 18.96 17.64 4.49
N ILE C 57 19.00 17.38 3.19
CA ILE C 57 20.14 16.68 2.60
C ILE C 57 21.39 17.56 2.65
N GLU C 58 21.23 18.86 2.39
CA GLU C 58 22.39 19.73 2.29
C GLU C 58 22.88 20.19 3.65
N GLU C 59 21.96 20.46 4.59
CA GLU C 59 22.36 20.88 5.92
C GLU C 59 22.92 19.72 6.73
N PHE C 60 22.21 18.61 6.75
CA PHE C 60 22.63 17.46 7.55
C PHE C 60 23.64 16.58 6.83
N LYS C 61 23.81 16.75 5.51
CA LYS C 61 24.79 16.00 4.72
C LYS C 61 24.45 14.50 4.71
N ASP C 62 23.19 14.21 4.42
CA ASP C 62 22.69 12.85 4.28
C ASP C 62 23.13 12.31 2.93
N PRO C 63 24.01 11.31 2.90
CA PRO C 63 24.51 10.81 1.62
C PRO C 63 23.56 9.82 0.95
N LEU C 64 22.78 9.09 1.77
CA LEU C 64 21.93 8.02 1.26
C LEU C 64 20.70 8.53 0.52
N LEU C 65 20.22 9.74 0.85
CA LEU C 65 18.99 10.24 0.27
C LEU C 65 19.19 11.03 -1.02
N GLN C 66 20.40 11.54 -1.28
CA GLN C 66 20.63 12.32 -2.48
C GLN C 66 21.03 11.45 -3.66
N THR C 67 21.88 10.45 -3.44
CA THR C 67 22.23 9.45 -4.46
C THR C 67 21.83 8.09 -3.91
N PRO C 68 20.54 7.74 -3.97
CA PRO C 68 20.07 6.52 -3.32
C PRO C 68 20.68 5.28 -3.94
N PRO C 69 21.49 4.53 -3.18
CA PRO C 69 22.05 3.29 -3.71
C PRO C 69 20.99 2.23 -3.88
N ALA C 70 21.30 1.23 -4.71
CA ALA C 70 20.33 0.18 -4.99
C ALA C 70 19.94 -0.58 -3.72
N TRP C 71 20.89 -0.77 -2.80
CA TRP C 71 20.57 -1.47 -1.56
C TRP C 71 19.67 -0.64 -0.67
N PHE C 72 19.91 0.67 -0.61
CA PHE C 72 19.04 1.56 0.16
C PHE C 72 17.68 1.74 -0.51
N LYS C 73 17.65 1.75 -1.85
CA LYS C 73 16.38 1.85 -2.56
C LYS C 73 15.48 0.65 -2.27
N SER C 74 16.08 -0.54 -2.21
CA SER C 74 15.30 -1.75 -1.96
C SER C 74 14.63 -1.70 -0.60
N PHE C 75 15.30 -1.14 0.40
CA PHE C 75 14.69 -0.99 1.71
C PHE C 75 13.53 0.00 1.70
N LEU C 76 13.62 1.05 0.87
CA LEU C 76 12.51 1.97 0.77
C LEU C 76 11.32 1.34 0.07
N PHE C 77 11.57 0.39 -0.84
CA PHE C 77 10.46 -0.32 -1.48
C PHE C 77 9.80 -1.29 -0.50
N CYS C 78 10.60 -1.95 0.34
CA CYS C 78 10.03 -2.76 1.42
C CYS C 78 9.21 -1.91 2.37
N GLU C 79 9.65 -0.67 2.60
CA GLU C 79 8.90 0.23 3.46
C GLU C 79 7.53 0.55 2.86
N LEU C 80 7.46 0.66 1.54
CA LEU C 80 6.19 0.97 0.88
C LEU C 80 5.28 -0.25 0.81
N VAL C 81 5.83 -1.39 0.42
CA VAL C 81 5.01 -2.57 0.16
C VAL C 81 4.64 -3.29 1.45
N PHE C 82 5.57 -3.37 2.40
CA PHE C 82 5.36 -4.15 3.61
C PHE C 82 5.08 -3.32 4.85
N GLN C 83 5.83 -2.24 5.08
CA GLN C 83 5.74 -1.53 6.35
C GLN C 83 4.56 -0.58 6.39
N LEU C 84 4.38 0.23 5.35
CA LEU C 84 3.29 1.19 5.32
C LEU C 84 1.91 0.54 5.45
N PRO C 85 1.60 -0.59 4.82
CA PRO C 85 0.31 -1.24 5.10
C PRO C 85 0.19 -1.73 6.53
N PHE C 86 1.31 -2.04 7.18
CA PHE C 86 1.26 -2.53 8.56
C PHE C 86 1.17 -1.41 9.58
N PHE C 87 1.50 -0.17 9.21
CA PHE C 87 1.47 0.92 10.18
C PHE C 87 0.08 1.15 10.77
N PRO C 88 -1.01 1.22 9.99
CA PRO C 88 -2.32 1.41 10.63
C PRO C 88 -2.81 0.20 11.41
N ILE C 89 -2.45 -1.01 10.99
CA ILE C 89 -2.88 -2.20 11.70
C ILE C 89 -2.22 -2.28 13.07
N ALA C 90 -0.91 -1.98 13.13
CA ALA C 90 -0.19 -2.04 14.40
C ALA C 90 -0.60 -0.90 15.32
N ALA C 91 -0.80 0.29 14.76
CA ALA C 91 -1.23 1.42 15.58
C ALA C 91 -2.54 1.12 16.29
N TYR C 92 -3.52 0.59 15.56
CA TYR C 92 -4.81 0.27 16.17
C TYR C 92 -4.66 -0.81 17.24
N ALA C 93 -3.78 -1.79 17.00
CA ALA C 93 -3.65 -2.91 17.93
C ALA C 93 -3.09 -2.46 19.27
N PHE C 94 -2.19 -1.49 19.28
CA PHE C 94 -1.61 -1.04 20.54
C PHE C 94 -2.46 0.04 21.19
N PHE C 95 -3.19 0.82 20.40
CA PHE C 95 -4.10 1.82 20.95
C PHE C 95 -5.22 1.15 21.73
N LYS C 96 -5.85 0.13 21.15
CA LYS C 96 -6.88 -0.63 21.85
C LYS C 96 -6.29 -1.42 23.02
N GLY C 97 -5.37 -2.33 22.72
CA GLY C 97 -4.70 -3.09 23.74
C GLY C 97 -5.22 -4.52 23.84
N GLY C 98 -4.31 -5.44 24.18
CA GLY C 98 -4.65 -6.83 24.34
C GLY C 98 -4.87 -7.62 23.06
N CYS C 99 -4.43 -7.11 21.92
CA CYS C 99 -4.60 -7.80 20.63
C CYS C 99 -3.47 -8.81 20.48
N LYS C 100 -3.72 -10.02 20.99
CA LYS C 100 -2.71 -11.07 20.97
C LYS C 100 -2.31 -11.49 19.56
N TRP C 101 -3.10 -11.12 18.54
CA TRP C 101 -2.80 -11.49 17.16
C TRP C 101 -1.71 -10.63 16.54
N ILE C 102 -1.14 -9.68 17.28
CA ILE C 102 -0.11 -8.80 16.74
C ILE C 102 1.31 -9.28 17.05
N ARG C 103 1.47 -10.32 17.89
CA ARG C 103 2.80 -10.74 18.32
C ARG C 103 3.67 -11.13 17.14
N THR C 104 3.28 -12.17 16.41
CA THR C 104 4.06 -12.58 15.23
C THR C 104 4.15 -11.49 14.17
N PRO C 105 3.09 -10.73 13.84
CA PRO C 105 3.27 -9.62 12.89
C PRO C 105 4.23 -8.55 13.39
N ALA C 106 4.20 -8.23 14.69
CA ALA C 106 5.12 -7.21 15.21
C ALA C 106 6.56 -7.71 15.26
N ILE C 107 6.75 -9.00 15.54
CA ILE C 107 8.10 -9.57 15.54
C ILE C 107 8.71 -9.48 14.15
N ILE C 108 7.92 -9.79 13.11
CA ILE C 108 8.42 -9.74 11.76
C ILE C 108 8.81 -8.33 11.37
N TYR C 109 7.97 -7.35 11.73
CA TYR C 109 8.30 -5.95 11.48
C TYR C 109 9.55 -5.54 12.24
N SER C 110 9.67 -5.98 13.49
CA SER C 110 10.79 -5.55 14.33
C SER C 110 12.12 -6.02 13.75
N VAL C 111 12.22 -7.32 13.47
CA VAL C 111 13.47 -7.86 12.93
C VAL C 111 13.77 -7.25 11.56
N HIS C 112 12.74 -7.11 10.71
CA HIS C 112 12.93 -6.51 9.40
C HIS C 112 13.43 -5.08 9.51
N THR C 113 12.77 -4.27 10.34
CA THR C 113 13.17 -2.87 10.48
C THR C 113 14.57 -2.75 11.07
N MET C 114 14.88 -3.55 12.09
CA MET C 114 16.22 -3.53 12.67
C MET C 114 17.26 -3.90 11.64
N THR C 115 17.01 -4.97 10.88
CA THR C 115 17.97 -5.44 9.89
C THR C 115 18.19 -4.40 8.79
N THR C 116 17.17 -3.61 8.44
CA THR C 116 17.35 -2.62 7.40
C THR C 116 18.26 -1.47 7.83
N LEU C 117 18.39 -1.21 9.12
CA LEU C 117 19.11 -0.03 9.60
C LEU C 117 20.53 -0.33 10.08
N ILE C 118 20.86 -1.60 10.33
CA ILE C 118 22.24 -1.95 10.63
C ILE C 118 23.19 -1.52 9.51
N PRO C 119 22.91 -1.77 8.23
CA PRO C 119 23.78 -1.22 7.19
C PRO C 119 23.74 0.30 7.11
N ILE C 120 22.61 0.91 7.45
CA ILE C 120 22.52 2.36 7.37
C ILE C 120 23.39 3.02 8.43
N LEU C 121 23.24 2.58 9.69
CA LEU C 121 24.03 3.16 10.76
C LEU C 121 25.51 2.83 10.63
N SER C 122 25.83 1.66 10.05
CA SER C 122 27.24 1.30 9.86
C SER C 122 27.88 2.12 8.76
N THR C 123 27.11 2.51 7.74
CA THR C 123 27.66 3.31 6.67
C THR C 123 27.98 4.73 7.16
N LEU C 124 27.01 5.35 7.85
CA LEU C 124 27.20 6.73 8.30
C LEU C 124 28.35 6.85 9.30
N LEU C 125 28.55 5.83 10.14
CA LEU C 125 29.54 5.90 11.20
C LEU C 125 30.93 5.45 10.77
N LEU C 126 31.04 4.54 9.78
CA LEU C 126 32.32 3.92 9.46
C LEU C 126 32.81 4.18 8.03
N ASP C 127 31.91 4.37 7.07
CA ASP C 127 32.35 4.57 5.70
C ASP C 127 32.99 5.95 5.53
N ASP C 128 33.95 6.03 4.62
CA ASP C 128 34.65 7.28 4.32
C ASP C 128 33.92 8.00 3.19
N PHE C 129 33.24 9.10 3.52
CA PHE C 129 32.47 9.85 2.53
C PHE C 129 33.27 10.93 1.83
N SER C 130 34.47 11.25 2.32
CA SER C 130 35.36 12.13 1.56
C SER C 130 35.96 11.40 0.37
N LYS C 131 36.36 10.14 0.57
CA LYS C 131 36.88 9.33 -0.52
C LYS C 131 35.79 8.99 -1.52
N ALA C 132 36.19 8.82 -2.78
CA ALA C 132 35.25 8.62 -3.88
C ALA C 132 34.64 7.23 -3.92
N SER C 133 35.09 6.30 -3.07
CA SER C 133 34.52 4.96 -3.05
C SER C 133 33.05 4.99 -2.65
N HIS C 134 32.21 4.37 -3.47
CA HIS C 134 30.76 4.28 -3.27
C HIS C 134 30.09 5.64 -3.43
N PHE C 135 30.69 6.71 -2.92
CA PHE C 135 30.10 8.04 -2.99
C PHE C 135 31.18 9.09 -2.85
N ARG C 136 31.13 10.11 -3.71
CA ARG C 136 32.06 11.24 -3.67
C ARG C 136 31.28 12.54 -3.68
N GLY C 137 31.78 13.52 -2.92
CA GLY C 137 31.23 14.86 -2.97
C GLY C 137 29.99 15.12 -2.14
N GLN C 138 29.68 14.23 -1.20
CA GLN C 138 28.52 14.39 -0.33
C GLN C 138 28.59 13.36 0.78
N GLY C 139 28.33 13.80 2.01
CA GLY C 139 28.39 12.94 3.16
C GLY C 139 29.05 13.61 4.35
N PRO C 140 28.83 13.05 5.54
CA PRO C 140 29.44 13.64 6.74
C PRO C 140 30.95 13.46 6.75
N LYS C 141 31.64 14.53 7.15
CA LYS C 141 33.10 14.55 7.21
C LYS C 141 33.64 14.41 8.63
N THR C 142 33.01 15.06 9.61
CA THR C 142 33.46 15.00 10.98
C THR C 142 32.63 13.99 11.77
N PHE C 143 33.13 13.63 12.96
CA PHE C 143 32.39 12.73 13.82
C PHE C 143 31.08 13.35 14.30
N GLN C 144 31.04 14.68 14.45
CA GLN C 144 29.80 15.33 14.86
C GLN C 144 28.74 15.25 13.78
N GLU C 145 29.13 15.48 12.52
CA GLU C 145 28.16 15.39 11.43
C GLU C 145 27.58 13.99 11.33
N ARG C 146 28.42 12.97 11.56
CA ARG C 146 27.92 11.60 11.58
C ARG C 146 26.99 11.37 12.75
N LEU C 147 27.28 11.97 13.90
CA LEU C 147 26.42 11.79 15.07
C LEU C 147 25.07 12.44 14.83
N PHE C 148 25.04 13.57 14.11
CA PHE C 148 23.77 14.23 13.82
C PHE C 148 22.90 13.37 12.92
N LEU C 149 23.50 12.76 11.90
CA LEU C 149 22.77 11.87 10.99
C LEU C 149 22.24 10.65 11.73
N ILE C 150 23.09 10.01 12.54
CA ILE C 150 22.67 8.82 13.28
C ILE C 150 21.49 9.14 14.19
N SER C 151 21.43 10.35 14.73
CA SER C 151 20.30 10.70 15.60
C SER C 151 18.97 10.66 14.86
N VAL C 152 19.00 10.89 13.55
CA VAL C 152 17.75 10.88 12.79
C VAL C 152 17.32 9.46 12.46
N TYR C 153 18.28 8.54 12.30
CA TYR C 153 17.99 7.17 11.92
C TYR C 153 17.90 6.22 13.10
N ILE C 154 18.46 6.57 14.25
CA ILE C 154 18.51 5.69 15.41
C ILE C 154 17.13 5.42 16.04
N PRO C 155 16.13 6.32 15.94
CA PRO C 155 14.83 5.94 16.54
C PRO C 155 14.21 4.73 15.88
N TYR C 156 14.34 4.61 14.56
CA TYR C 156 13.73 3.50 13.85
C TYR C 156 14.43 2.18 14.10
N PHE C 157 15.51 2.17 14.87
CA PHE C 157 16.16 0.93 15.29
C PHE C 157 15.85 0.57 16.74
N LEU C 158 15.93 1.55 17.64
CA LEU C 158 15.73 1.27 19.05
C LEU C 158 14.28 0.94 19.36
N ILE C 159 13.33 1.66 18.75
CA ILE C 159 11.92 1.42 19.02
C ILE C 159 11.49 0.04 18.54
N PRO C 160 11.82 -0.41 17.33
CA PRO C 160 11.51 -1.80 16.96
C PRO C 160 12.23 -2.83 17.83
N LEU C 161 13.44 -2.52 18.30
CA LEU C 161 14.12 -3.43 19.22
C LEU C 161 13.35 -3.55 20.53
N ILE C 162 12.83 -2.43 21.04
CA ILE C 162 11.96 -2.48 22.21
C ILE C 162 10.71 -3.28 21.91
N LEU C 163 10.15 -3.11 20.70
CA LEU C 163 8.97 -3.87 20.31
C LEU C 163 9.26 -5.36 20.24
N LEU C 164 10.43 -5.72 19.72
CA LEU C 164 10.82 -7.14 19.69
C LEU C 164 10.91 -7.72 21.09
N LEU C 165 11.55 -7.00 22.02
CA LEU C 165 11.69 -7.50 23.38
C LEU C 165 10.35 -7.53 24.10
N PHE C 166 9.42 -6.65 23.72
CA PHE C 166 8.11 -6.59 24.36
C PHE C 166 7.20 -7.72 23.90
N MET C 167 7.36 -8.20 22.66
CA MET C 167 6.45 -9.24 22.17
C MET C 167 6.91 -10.63 22.56
N VAL C 168 8.22 -10.87 22.61
CA VAL C 168 8.72 -12.21 22.88
C VAL C 168 8.37 -12.66 24.29
N ARG C 169 8.22 -11.72 25.23
CA ARG C 169 8.10 -12.08 26.64
C ARG C 169 6.76 -11.73 27.28
N ASN C 170 5.97 -10.83 26.70
CA ASN C 170 4.76 -10.38 27.36
C ASN C 170 3.69 -11.48 27.32
N PRO C 171 3.16 -11.91 28.46
CA PRO C 171 2.07 -12.90 28.44
C PRO C 171 0.76 -12.35 27.93
N TYR C 172 0.63 -11.04 27.79
CA TYR C 172 -0.59 -10.44 27.27
C TYR C 172 -0.72 -10.55 25.77
N TYR C 173 0.25 -11.18 25.10
CA TYR C 173 0.23 -11.31 23.65
C TYR C 173 0.56 -12.72 23.17
N LYS C 174 0.90 -13.64 24.07
CA LYS C 174 1.27 -14.99 23.68
C LYS C 174 0.09 -15.72 23.04
N THR D 9 9.07 -42.73 3.67
CA THR D 9 8.49 -41.45 3.31
C THR D 9 7.14 -41.25 3.99
N LEU D 10 7.14 -41.41 5.31
CA LEU D 10 5.89 -41.41 6.06
C LEU D 10 5.36 -40.01 6.30
N GLY D 11 6.24 -39.02 6.37
CA GLY D 11 5.84 -37.68 6.76
C GLY D 11 6.38 -36.63 5.80
N ALA D 12 5.58 -35.58 5.63
CA ALA D 12 5.97 -34.44 4.82
C ALA D 12 6.51 -33.31 5.68
N ARG D 13 5.92 -33.13 6.88
CA ARG D 13 6.51 -32.23 7.86
C ARG D 13 7.91 -32.68 8.24
N ARG D 14 8.06 -33.98 8.52
CA ARG D 14 9.35 -34.50 8.96
C ARG D 14 10.39 -34.36 7.85
N GLY D 15 10.01 -34.67 6.61
CA GLY D 15 10.96 -34.54 5.52
C GLY D 15 11.48 -33.13 5.36
N LEU D 16 10.60 -32.13 5.55
CA LEU D 16 11.03 -30.73 5.49
C LEU D 16 11.93 -30.38 6.66
N GLU D 17 11.71 -30.99 7.82
CA GLU D 17 12.57 -30.73 8.98
C GLU D 17 13.96 -31.32 8.78
N TRP D 18 14.06 -32.46 8.11
CA TRP D 18 15.38 -32.97 7.75
C TRP D 18 16.07 -32.05 6.75
N PHE D 19 15.30 -31.49 5.81
CA PHE D 19 15.85 -30.57 4.83
C PHE D 19 16.40 -29.32 5.51
N LEU D 20 15.63 -28.76 6.45
CA LEU D 20 16.12 -27.61 7.21
C LEU D 20 17.38 -27.97 7.99
N GLY D 21 17.42 -29.17 8.56
CA GLY D 21 18.58 -29.58 9.33
C GLY D 21 19.85 -29.59 8.50
N PHE D 22 19.78 -30.17 7.30
CA PHE D 22 20.95 -30.16 6.41
C PHE D 22 21.28 -28.74 5.95
N TYR D 23 20.28 -27.88 5.84
CA TYR D 23 20.54 -26.49 5.47
C TYR D 23 21.35 -25.78 6.55
N PHE D 24 20.96 -25.94 7.81
CA PHE D 24 21.71 -25.30 8.89
C PHE D 24 23.02 -26.01 9.16
N LEU D 25 23.07 -27.32 8.91
CA LEU D 25 24.34 -28.03 9.09
C LEU D 25 25.37 -27.57 8.08
N SER D 26 24.97 -27.45 6.80
CA SER D 26 25.91 -27.01 5.77
C SER D 26 26.25 -25.53 5.88
N HIS D 27 25.38 -24.72 6.51
CA HIS D 27 25.66 -23.29 6.60
C HIS D 27 26.84 -22.99 7.48
N ILE D 28 27.17 -23.89 8.40
CA ILE D 28 28.25 -23.69 9.37
C ILE D 28 29.59 -23.68 8.65
N PRO D 29 29.92 -24.68 7.82
CA PRO D 29 31.18 -24.58 7.08
C PRO D 29 31.18 -23.46 6.05
N ILE D 30 30.06 -23.22 5.38
CA ILE D 30 30.03 -22.18 4.33
C ILE D 30 30.29 -20.81 4.93
N THR D 31 29.68 -20.54 6.09
CA THR D 31 29.90 -19.26 6.75
C THR D 31 31.32 -19.15 7.29
N LEU D 32 31.83 -20.22 7.91
CA LEU D 32 33.15 -20.18 8.52
C LEU D 32 34.25 -20.06 7.46
N LEU D 33 34.29 -21.02 6.52
CA LEU D 33 35.42 -21.12 5.62
C LEU D 33 35.41 -20.08 4.50
N MET D 34 34.25 -19.51 4.19
CA MET D 34 34.10 -18.69 2.99
C MET D 34 33.57 -17.28 3.30
N ASP D 35 32.37 -17.15 3.86
CA ASP D 35 31.74 -15.84 3.93
C ASP D 35 32.50 -14.89 4.85
N LEU D 36 32.81 -15.33 6.06
CA LEU D 36 33.41 -14.46 7.07
C LEU D 36 34.84 -14.06 6.74
N GLN D 37 35.38 -14.52 5.61
CA GLN D 37 36.65 -14.03 5.12
C GLN D 37 36.58 -12.53 4.83
N GLY D 38 35.47 -12.04 4.29
CA GLY D 38 35.31 -10.61 4.04
C GLY D 38 35.25 -9.74 5.28
N VAL D 39 35.18 -10.36 6.46
CA VAL D 39 35.14 -9.64 7.73
C VAL D 39 36.34 -9.97 8.60
N LEU D 40 36.65 -11.26 8.73
CA LEU D 40 37.76 -11.66 9.60
C LEU D 40 39.10 -11.53 8.87
N PRO D 41 40.19 -11.30 9.62
CA PRO D 41 41.49 -11.12 8.98
C PRO D 41 41.92 -12.34 8.18
N ARG D 42 42.70 -12.08 7.12
CA ARG D 42 43.15 -13.15 6.25
C ARG D 42 44.05 -14.14 6.97
N ASP D 43 44.77 -13.67 8.00
CA ASP D 43 45.73 -14.52 8.69
C ASP D 43 45.06 -15.61 9.52
N LEU D 44 43.76 -15.52 9.76
CA LEU D 44 43.02 -16.61 10.36
C LEU D 44 42.72 -17.74 9.37
N TYR D 45 42.87 -17.48 8.07
CA TYR D 45 42.56 -18.45 7.03
C TYR D 45 43.83 -18.90 6.31
N PRO D 46 43.96 -20.20 6.02
CA PRO D 46 45.13 -20.67 5.27
C PRO D 46 45.15 -20.14 3.85
N VAL D 47 46.29 -20.32 3.20
CA VAL D 47 46.45 -19.86 1.82
C VAL D 47 45.53 -20.64 0.88
N GLU D 48 45.19 -21.88 1.22
CA GLU D 48 44.34 -22.69 0.35
C GLU D 48 42.94 -22.12 0.28
N LEU D 49 42.32 -21.87 1.44
CA LEU D 49 40.97 -21.34 1.45
C LEU D 49 40.90 -19.92 0.90
N ARG D 50 41.96 -19.13 1.07
CA ARG D 50 41.96 -17.79 0.49
C ARG D 50 41.91 -17.84 -1.02
N ASN D 51 42.73 -18.70 -1.63
CA ASN D 51 42.71 -18.82 -3.08
C ASN D 51 41.43 -19.47 -3.58
N LEU D 52 40.76 -20.26 -2.75
CA LEU D 52 39.47 -20.82 -3.13
C LEU D 52 38.42 -19.72 -3.25
N GLN D 53 38.36 -18.83 -2.26
CA GLN D 53 37.43 -17.71 -2.35
C GLN D 53 37.76 -16.82 -3.54
N GLN D 54 39.05 -16.66 -3.84
CA GLN D 54 39.43 -15.89 -5.01
C GLN D 54 39.02 -16.58 -6.30
N TRP D 55 39.06 -17.91 -6.33
CA TRP D 55 38.56 -18.63 -7.50
C TRP D 55 37.09 -18.35 -7.73
N TYR D 56 36.29 -18.36 -6.66
CA TYR D 56 34.86 -18.08 -6.80
C TYR D 56 34.61 -16.69 -7.35
N ILE D 57 35.35 -15.69 -6.87
CA ILE D 57 35.13 -14.32 -7.29
C ILE D 57 35.49 -14.12 -8.76
N GLU D 58 36.53 -14.81 -9.23
CA GLU D 58 36.88 -14.69 -10.64
C GLU D 58 35.90 -15.46 -11.53
N GLU D 59 35.43 -16.60 -11.04
CA GLU D 59 34.53 -17.44 -11.84
C GLU D 59 33.15 -16.81 -11.94
N PHE D 60 32.58 -16.41 -10.81
CA PHE D 60 31.21 -15.90 -10.74
C PHE D 60 31.13 -14.38 -10.78
N LYS D 61 32.27 -13.68 -10.83
CA LYS D 61 32.30 -12.22 -10.94
C LYS D 61 31.50 -11.56 -9.82
N ASP D 62 31.79 -11.97 -8.59
CA ASP D 62 31.12 -11.41 -7.42
C ASP D 62 31.79 -10.11 -7.00
N PRO D 63 31.09 -8.98 -7.08
CA PRO D 63 31.70 -7.69 -6.69
C PRO D 63 31.54 -7.33 -5.22
N LEU D 64 30.84 -8.16 -4.44
CA LEU D 64 30.59 -7.88 -3.03
C LEU D 64 31.62 -8.54 -2.12
N LEU D 65 31.84 -9.84 -2.28
CA LEU D 65 32.83 -10.52 -1.45
C LEU D 65 34.25 -10.08 -1.78
N GLN D 66 34.48 -9.59 -2.99
CA GLN D 66 35.80 -9.14 -3.41
C GLN D 66 36.24 -7.95 -2.58
N THR D 67 35.59 -6.80 -2.77
CA THR D 67 35.84 -5.60 -1.98
C THR D 67 34.54 -5.28 -1.23
N PRO D 68 34.40 -5.73 0.01
CA PRO D 68 33.11 -5.62 0.70
C PRO D 68 32.78 -4.19 1.06
N PRO D 69 31.61 -3.70 0.65
CA PRO D 69 31.14 -2.39 1.11
C PRO D 69 30.73 -2.43 2.57
N ALA D 70 30.44 -1.24 3.10
CA ALA D 70 30.07 -1.15 4.51
C ALA D 70 28.73 -1.81 4.79
N TRP D 71 27.75 -1.61 3.91
CA TRP D 71 26.45 -2.22 4.12
C TRP D 71 26.52 -3.73 4.03
N PHE D 72 27.36 -4.24 3.11
CA PHE D 72 27.52 -5.69 2.97
C PHE D 72 28.30 -6.27 4.13
N LYS D 73 29.36 -5.58 4.57
CA LYS D 73 30.15 -6.04 5.71
C LYS D 73 29.36 -6.02 7.00
N SER D 74 28.35 -5.15 7.12
CA SER D 74 27.53 -5.15 8.32
C SER D 74 26.70 -6.42 8.42
N PHE D 75 26.23 -6.95 7.29
CA PHE D 75 25.48 -8.20 7.31
C PHE D 75 26.39 -9.38 7.62
N LEU D 76 27.64 -9.34 7.13
CA LEU D 76 28.60 -10.38 7.47
C LEU D 76 28.92 -10.39 8.96
N PHE D 77 29.00 -9.22 9.58
CA PHE D 77 29.17 -9.17 11.04
C PHE D 77 27.95 -9.75 11.75
N CYS D 78 26.76 -9.54 11.19
CA CYS D 78 25.56 -10.12 11.77
C CYS D 78 25.56 -11.64 11.63
N GLU D 79 26.10 -12.14 10.51
CA GLU D 79 26.15 -13.58 10.29
C GLU D 79 27.06 -14.26 11.29
N LEU D 80 28.16 -13.61 11.66
CA LEU D 80 29.10 -14.21 12.62
C LEU D 80 28.55 -14.19 14.03
N VAL D 81 27.91 -13.09 14.44
CA VAL D 81 27.52 -12.90 15.83
C VAL D 81 26.14 -13.47 16.13
N PHE D 82 25.21 -13.38 15.18
CA PHE D 82 23.83 -13.80 15.40
C PHE D 82 23.47 -15.11 14.71
N GLN D 83 23.78 -15.25 13.42
CA GLN D 83 23.35 -16.43 12.69
C GLN D 83 24.19 -17.65 13.04
N LEU D 84 25.51 -17.48 13.05
CA LEU D 84 26.40 -18.63 13.29
C LEU D 84 26.11 -19.34 14.62
N PRO D 85 25.93 -18.65 15.75
CA PRO D 85 25.54 -19.37 16.98
C PRO D 85 24.22 -20.13 16.84
N PHE D 86 23.28 -19.61 16.05
CA PHE D 86 21.96 -20.21 15.89
C PHE D 86 21.98 -21.47 15.01
N PHE D 87 22.93 -21.58 14.08
CA PHE D 87 22.93 -22.71 13.15
C PHE D 87 22.98 -24.07 13.84
N PRO D 88 23.92 -24.37 14.74
CA PRO D 88 23.94 -25.72 15.34
C PRO D 88 22.71 -26.00 16.20
N ILE D 89 22.11 -24.97 16.80
CA ILE D 89 20.90 -25.20 17.58
C ILE D 89 19.75 -25.58 16.68
N ALA D 90 19.58 -24.85 15.57
CA ALA D 90 18.49 -25.13 14.64
C ALA D 90 18.65 -26.50 14.00
N ALA D 91 19.90 -26.89 13.71
CA ALA D 91 20.14 -28.23 13.17
C ALA D 91 19.69 -29.30 14.17
N TYR D 92 20.04 -29.14 15.45
CA TYR D 92 19.62 -30.11 16.45
C TYR D 92 18.10 -30.15 16.60
N ALA D 93 17.47 -28.98 16.64
CA ALA D 93 16.02 -28.93 16.83
C ALA D 93 15.29 -29.60 15.68
N PHE D 94 15.65 -29.26 14.44
CA PHE D 94 14.93 -29.79 13.29
C PHE D 94 15.29 -31.24 12.99
N PHE D 95 16.51 -31.66 13.33
CA PHE D 95 16.86 -33.07 13.15
C PHE D 95 16.10 -33.95 14.14
N LYS D 96 16.01 -33.53 15.40
CA LYS D 96 15.32 -34.34 16.40
C LYS D 96 13.80 -34.23 16.27
N GLY D 97 13.29 -33.01 16.24
CA GLY D 97 11.86 -32.79 16.15
C GLY D 97 11.23 -32.58 17.52
N GLY D 98 10.03 -32.00 17.51
CA GLY D 98 9.33 -31.73 18.75
C GLY D 98 9.92 -30.60 19.58
N CYS D 99 10.69 -29.70 18.97
CA CYS D 99 11.30 -28.58 19.69
C CYS D 99 10.49 -27.33 19.40
N LYS D 100 9.44 -27.11 20.19
CA LYS D 100 8.59 -25.95 19.99
C LYS D 100 9.32 -24.64 20.20
N TRP D 101 10.40 -24.65 21.00
CA TRP D 101 11.11 -23.43 21.37
C TRP D 101 11.86 -22.80 20.21
N ILE D 102 11.87 -23.42 19.02
CA ILE D 102 12.59 -22.87 17.87
C ILE D 102 11.72 -21.94 17.03
N ARG D 103 10.41 -21.88 17.28
CA ARG D 103 9.51 -21.09 16.43
C ARG D 103 9.93 -19.63 16.36
N THR D 104 9.87 -18.92 17.50
CA THR D 104 10.26 -17.52 17.51
C THR D 104 11.70 -17.29 17.08
N PRO D 105 12.70 -18.07 17.52
CA PRO D 105 14.07 -17.86 17.00
C PRO D 105 14.20 -18.09 15.51
N ALA D 106 13.54 -19.11 14.96
CA ALA D 106 13.60 -19.37 13.53
C ALA D 106 12.83 -18.31 12.72
N ILE D 107 11.74 -17.79 13.29
CA ILE D 107 11.05 -16.67 12.64
C ILE D 107 11.98 -15.46 12.57
N ILE D 108 12.76 -15.20 13.63
CA ILE D 108 13.68 -14.07 13.64
C ILE D 108 14.80 -14.29 12.63
N TYR D 109 15.37 -15.50 12.58
CA TYR D 109 16.41 -15.79 11.62
C TYR D 109 15.91 -15.66 10.19
N SER D 110 14.70 -16.14 9.92
CA SER D 110 14.14 -16.11 8.58
C SER D 110 13.98 -14.68 8.08
N VAL D 111 13.36 -13.82 8.90
CA VAL D 111 13.13 -12.45 8.47
C VAL D 111 14.46 -11.71 8.31
N HIS D 112 15.39 -11.97 9.24
CA HIS D 112 16.70 -11.32 9.16
C HIS D 112 17.44 -11.71 7.89
N THR D 113 17.52 -13.00 7.59
CA THR D 113 18.25 -13.44 6.41
C THR D 113 17.59 -12.94 5.14
N MET D 114 16.25 -13.01 5.08
CA MET D 114 15.51 -12.53 3.91
C MET D 114 15.73 -11.04 3.71
N THR D 115 15.75 -10.26 4.80
CA THR D 115 16.00 -8.83 4.71
C THR D 115 17.45 -8.50 4.36
N THR D 116 18.41 -9.39 4.65
CA THR D 116 19.79 -9.13 4.23
C THR D 116 20.01 -9.38 2.75
N LEU D 117 19.29 -10.34 2.16
CA LEU D 117 19.49 -10.71 0.77
C LEU D 117 18.64 -9.93 -0.24
N ILE D 118 17.59 -9.23 0.20
CA ILE D 118 16.86 -8.36 -0.72
C ILE D 118 17.76 -7.26 -1.27
N PRO D 119 18.52 -6.51 -0.46
CA PRO D 119 19.46 -5.55 -1.04
C PRO D 119 20.59 -6.22 -1.82
N ILE D 120 20.93 -7.47 -1.50
CA ILE D 120 21.97 -8.15 -2.24
C ILE D 120 21.50 -8.49 -3.65
N LEU D 121 20.36 -9.16 -3.76
CA LEU D 121 19.86 -9.58 -5.08
C LEU D 121 19.47 -8.40 -5.95
N SER D 122 19.02 -7.29 -5.35
CA SER D 122 18.69 -6.09 -6.11
C SER D 122 19.96 -5.46 -6.69
N THR D 123 21.03 -5.43 -5.92
CA THR D 123 22.29 -4.85 -6.40
C THR D 123 22.85 -5.64 -7.58
N LEU D 124 22.83 -6.98 -7.48
CA LEU D 124 23.35 -7.82 -8.56
C LEU D 124 22.49 -7.74 -9.82
N LEU D 125 21.17 -7.58 -9.66
CA LEU D 125 20.26 -7.54 -10.80
C LEU D 125 20.17 -6.17 -11.47
N LEU D 126 20.23 -5.07 -10.71
CA LEU D 126 19.93 -3.75 -11.26
C LEU D 126 21.06 -2.75 -11.24
N ASP D 127 22.07 -2.92 -10.38
CA ASP D 127 23.13 -1.93 -10.28
C ASP D 127 24.09 -2.07 -11.45
N ASP D 128 24.87 -1.00 -11.69
CA ASP D 128 25.85 -0.97 -12.77
C ASP D 128 27.22 -1.36 -12.22
N PHE D 129 27.93 -2.18 -12.97
CA PHE D 129 29.24 -2.64 -12.57
C PHE D 129 30.29 -2.27 -13.60
N SER D 130 30.16 -1.07 -14.16
CA SER D 130 31.13 -0.55 -15.12
C SER D 130 32.19 0.27 -14.37
N LYS D 131 33.19 0.72 -15.13
CA LYS D 131 34.24 1.54 -14.53
C LYS D 131 33.69 2.88 -14.05
N ALA D 132 32.59 3.34 -14.64
CA ALA D 132 31.99 4.59 -14.20
C ALA D 132 31.40 4.45 -12.81
N SER D 133 30.84 3.28 -12.49
CA SER D 133 30.28 3.05 -11.17
C SER D 133 31.40 2.91 -10.14
N HIS D 134 31.00 2.83 -8.87
CA HIS D 134 32.00 2.72 -7.80
C HIS D 134 32.71 1.38 -7.83
N PHE D 135 32.06 0.33 -8.34
CA PHE D 135 32.71 -0.97 -8.44
C PHE D 135 33.89 -0.95 -9.41
N ARG D 136 33.92 0.01 -10.33
CA ARG D 136 35.06 0.24 -11.22
C ARG D 136 35.34 -0.98 -12.08
N GLY D 137 34.29 -1.53 -12.69
CA GLY D 137 34.41 -2.57 -13.68
C GLY D 137 34.33 -3.99 -13.16
N GLN D 138 34.38 -4.20 -11.84
CA GLN D 138 34.35 -5.53 -11.26
C GLN D 138 32.91 -5.89 -10.89
N GLY D 139 32.43 -7.02 -11.41
CA GLY D 139 31.07 -7.46 -11.16
C GLY D 139 30.42 -8.00 -12.41
N PRO D 140 29.18 -8.46 -12.32
CA PRO D 140 28.51 -9.02 -13.49
C PRO D 140 28.24 -7.97 -14.56
N LYS D 141 28.45 -8.35 -15.82
CA LYS D 141 28.32 -7.42 -16.94
C LYS D 141 27.11 -7.70 -17.82
N THR D 142 26.68 -8.96 -17.94
CA THR D 142 25.56 -9.34 -18.77
C THR D 142 24.49 -10.02 -17.93
N PHE D 143 23.30 -10.15 -18.51
CA PHE D 143 22.15 -10.70 -17.78
C PHE D 143 22.39 -12.14 -17.36
N GLN D 144 23.05 -12.93 -18.20
CA GLN D 144 23.34 -14.32 -17.86
C GLN D 144 24.35 -14.39 -16.71
N GLU D 145 25.33 -13.47 -16.71
CA GLU D 145 26.29 -13.41 -15.63
C GLU D 145 25.64 -12.96 -14.32
N ARG D 146 24.62 -12.09 -14.42
CA ARG D 146 23.89 -11.66 -13.23
C ARG D 146 23.12 -12.80 -12.60
N LEU D 147 22.41 -13.58 -13.42
CA LEU D 147 21.67 -14.74 -12.89
C LEU D 147 22.61 -15.79 -12.34
N PHE D 148 23.76 -15.97 -12.98
CA PHE D 148 24.75 -16.94 -12.51
C PHE D 148 25.16 -16.63 -11.08
N LEU D 149 25.32 -15.34 -10.78
CA LEU D 149 25.67 -14.93 -9.43
C LEU D 149 24.46 -15.03 -8.50
N ILE D 150 23.29 -14.59 -8.96
CA ILE D 150 22.06 -14.66 -8.16
C ILE D 150 21.73 -16.09 -7.77
N SER D 151 21.98 -17.06 -8.67
CA SER D 151 21.70 -18.46 -8.34
C SER D 151 22.44 -18.91 -7.09
N VAL D 152 23.65 -18.38 -6.88
CA VAL D 152 24.40 -18.72 -5.68
C VAL D 152 23.72 -18.17 -4.42
N TYR D 153 23.18 -16.95 -4.50
CA TYR D 153 22.59 -16.32 -3.32
C TYR D 153 21.13 -16.67 -3.10
N ILE D 154 20.44 -17.17 -4.12
CA ILE D 154 18.99 -17.34 -4.06
C ILE D 154 18.54 -18.41 -3.05
N PRO D 155 19.29 -19.49 -2.79
CA PRO D 155 18.81 -20.43 -1.77
C PRO D 155 18.70 -19.80 -0.39
N TYR D 156 19.56 -18.84 -0.07
CA TYR D 156 19.56 -18.23 1.25
C TYR D 156 18.45 -17.20 1.43
N PHE D 157 17.62 -16.99 0.41
CA PHE D 157 16.39 -16.22 0.55
C PHE D 157 15.15 -17.11 0.51
N LEU D 158 15.14 -18.10 -0.37
CA LEU D 158 13.99 -18.97 -0.50
C LEU D 158 13.84 -19.91 0.69
N ILE D 159 14.94 -20.56 1.11
CA ILE D 159 14.85 -21.51 2.23
C ILE D 159 14.37 -20.83 3.51
N PRO D 160 14.86 -19.64 3.88
CA PRO D 160 14.30 -18.95 5.05
C PRO D 160 12.83 -18.58 4.89
N LEU D 161 12.39 -18.26 3.66
CA LEU D 161 10.97 -17.96 3.45
C LEU D 161 10.11 -19.19 3.69
N ILE D 162 10.56 -20.35 3.23
CA ILE D 162 9.85 -21.61 3.50
C ILE D 162 9.79 -21.87 5.01
N LEU D 163 10.90 -21.58 5.71
CA LEU D 163 10.90 -21.76 7.16
C LEU D 163 9.94 -20.79 7.83
N LEU D 164 9.86 -19.55 7.34
CA LEU D 164 8.98 -18.57 7.95
C LEU D 164 7.52 -19.01 7.82
N LEU D 165 7.12 -19.43 6.62
CA LEU D 165 5.77 -19.92 6.43
C LEU D 165 5.51 -21.16 7.28
N PHE D 166 6.49 -22.06 7.34
CA PHE D 166 6.34 -23.29 8.11
C PHE D 166 6.09 -22.99 9.59
N MET D 167 6.82 -22.04 10.15
CA MET D 167 6.73 -21.74 11.58
C MET D 167 5.47 -20.97 11.94
N VAL D 168 5.05 -20.03 11.08
CA VAL D 168 3.90 -19.17 11.40
C VAL D 168 2.60 -19.97 11.42
N ARG D 169 2.45 -20.97 10.55
CA ARG D 169 1.18 -21.68 10.41
C ARG D 169 1.20 -23.09 11.00
N ASN D 170 2.27 -23.48 11.71
CA ASN D 170 2.37 -24.85 12.22
C ASN D 170 1.80 -24.92 13.63
N PRO D 171 0.77 -25.73 13.87
CA PRO D 171 0.32 -25.95 15.24
C PRO D 171 1.24 -26.86 16.03
N TYR D 172 2.01 -27.73 15.36
CA TYR D 172 2.98 -28.57 16.06
C TYR D 172 4.08 -27.73 16.69
N TYR D 173 4.53 -26.69 16.00
CA TYR D 173 5.49 -25.73 16.55
C TYR D 173 4.70 -24.48 16.93
N LYS D 174 4.23 -24.45 18.17
CA LYS D 174 3.47 -23.30 18.66
C LYS D 174 3.85 -22.97 20.10
C5 YT7 E . -30.28 18.50 1.74
C6 YT7 E . -32.09 20.21 1.06
C7 YT7 E . -32.79 21.25 1.87
C8 YT7 E . -33.82 22.12 1.54
C9 YT7 E . -34.33 22.99 2.50
C10 YT7 E . -33.80 22.99 3.78
C3 YT7 E . -28.46 19.33 0.25
C2 YT7 E . -27.47 18.96 -0.87
C1 YT7 E . -28.28 16.76 -1.00
O1 YT7 E . -25.48 15.33 -0.25
N1 YT7 E . -31.17 19.62 2.04
C4 YT7 E . -29.68 18.43 0.35
C11 YT7 E . -32.77 22.13 4.12
C15 YT7 E . -25.18 15.98 -1.23
C14 YT7 E . -26.00 17.20 -1.64
C13 YT7 E . -31.24 20.21 3.26
C12 YT7 E . -32.28 21.26 3.15
C16 YT7 E . -24.01 15.59 -2.07
N YT7 E . -27.10 17.57 -0.75
C YT7 E . -29.29 16.96 0.11
O YT7 E . -30.56 19.90 4.22
C17 YT7 E . -23.26 14.48 -1.70
C18 YT7 E . -22.12 14.12 -2.40
C19 YT7 E . -21.75 14.89 -3.48
C20 YT7 E . -22.46 15.98 -3.88
C21 YT7 E . -23.60 16.33 -3.17
F YT7 E . -20.62 14.56 -4.14
C10 OLC F . -10.73 10.96 -4.26
C9 OLC F . -11.35 11.76 -5.10
C11 OLC F . -10.96 9.45 -4.34
C8 OLC F . -11.12 13.27 -5.02
C12 OLC F . -10.89 9.02 -5.81
C7 OLC F . -11.84 13.99 -6.16
C6 OLC F . -12.41 15.31 -5.66
C5 OLC F . -11.86 16.47 -6.50
C4 OLC F . -10.34 16.49 -6.43
C3 OLC F . -9.78 17.59 -7.33
C2 OLC F . -8.36 17.23 -7.75
C1 OLC F . -7.49 18.47 -7.71
C18 OLC G . -31.10 4.77 -11.25
C17 OLC G . -30.23 6.01 -11.35
C11 OLC G . -25.95 6.61 -15.79
C16 OLC G . -28.77 5.61 -11.60
C12 OLC G . -27.13 6.41 -14.84
C15 OLC G . -27.96 6.84 -11.98
C13 OLC G . -27.56 7.76 -14.27
C14 OLC G . -28.60 7.55 -13.18
C10 OLC H . -18.56 5.28 9.27
C9 OLC H . -17.67 6.24 9.15
C11 OLC H . -19.12 4.95 10.65
C8 OLC H . -17.10 6.58 7.77
C12 OLC H . -20.14 3.82 10.54
C7 OLC H . -15.80 7.36 7.93
C15 OLC H . -22.41 2.17 13.19
C13 OLC H . -20.82 3.62 11.90
C6 OLC H . -14.71 6.73 7.04
C14 OLC H . -21.56 2.28 11.92
C5 OLC H . -14.80 7.34 5.64
C4 OLC H . -13.39 7.59 5.09
C3 OLC H . -13.45 8.74 4.08
C2 OLC H . -12.21 8.71 3.18
C1 OLC H . -11.83 10.14 2.79
C10 OLC I . -30.63 -1.79 -8.31
C9 OLC I . -29.70 -0.86 -8.31
C11 OLC I . -31.45 -2.00 -7.04
C8 OLC I . -28.85 -0.61 -9.56
C12 OLC I . -32.52 -3.06 -7.28
C7 OLC I . -29.72 -0.10 -10.70
C15 OLC I . -33.37 -4.03 -3.74
C13 OLC I . -33.44 -3.14 -6.07
C6 OLC I . -28.81 0.39 -11.83
C14 OLC I . -32.61 -3.22 -4.78
C5 OLC I . -28.57 1.90 -11.67
C4 OLC I . -27.14 2.24 -12.09
C3 OLC I . -27.08 2.43 -13.61
C2 OLC I . -25.63 2.58 -14.06
C5 YT7 J . -14.61 -12.00 -4.73
C6 YT7 J . -12.43 -13.38 -4.55
C7 YT7 J . -12.20 -14.86 -4.71
C8 YT7 J . -11.06 -15.62 -4.53
C9 YT7 J . -11.11 -16.99 -4.73
C10 YT7 J . -12.30 -17.61 -5.10
C3 YT7 J . -13.80 -10.53 -6.57
C2 YT7 J . -13.59 -9.09 -7.02
C1 YT7 J . -14.46 -8.21 -5.02
O1 YT7 J . -16.78 -6.37 -6.30
N1 YT7 J . -13.87 -13.26 -4.82
C4 YT7 J . -13.90 -10.71 -5.06
C11 YT7 J . -13.45 -16.84 -5.29
C15 YT7 J . -15.78 -5.97 -6.87
C14 YT7 J . -14.55 -6.86 -7.01
C13 YT7 J . -14.46 -14.44 -5.15
C12 YT7 J . -13.39 -15.47 -5.09
C16 YT7 J . -15.74 -4.60 -7.46
N YT7 J . -14.61 -8.22 -6.46
C YT7 J . -14.74 -9.59 -4.45
O YT7 J . -15.62 -14.57 -5.44
C17 YT7 J . -16.85 -3.76 -7.34
C18 YT7 J . -16.85 -2.50 -7.90
C19 YT7 J . -15.73 -2.10 -8.57
C20 YT7 J . -14.62 -2.87 -8.71
C21 YT7 J . -14.62 -4.14 -8.14
F YT7 J . -15.73 -0.85 -9.12
C17 OLC K . -5.34 -10.75 6.35
C11 OLC K . -3.67 -3.74 4.47
C16 OLC K . -4.22 -9.89 5.76
C12 OLC K . -3.67 -5.21 4.04
C15 OLC K . -4.58 -8.42 5.95
C13 OLC K . -4.12 -6.08 5.22
C14 OLC K . -3.84 -7.56 4.92
C18 OLC L . -16.65 1.96 -22.20
C17 OLC L . -16.48 3.46 -22.41
C11 OLC L . -12.07 5.37 -25.87
C16 OLC L . -16.11 3.75 -23.86
C12 OLC L . -12.17 3.84 -25.80
C15 OLC L . -14.78 3.07 -24.21
C13 OLC L . -12.30 3.41 -24.34
C14 OLC L . -13.61 3.94 -23.77
C18 OLC M . -13.35 -17.04 -11.79
C10 OLC M . -5.97 -14.23 -11.60
C17 OLC M . -12.32 -16.39 -10.88
C11 OLC M . -7.05 -15.28 -11.42
C16 OLC M . -10.92 -16.72 -11.39
C12 OLC M . -7.13 -16.17 -12.67
C15 OLC M . -10.53 -15.73 -12.49
C13 OLC M . -8.38 -17.03 -12.61
C14 OLC M . -9.49 -16.36 -13.41
C18 OLC N . -12.19 3.44 6.18
C17 OLC N . -11.28 3.26 4.97
C11 OLC N . -9.48 7.57 1.02
C16 OLC N . -11.76 4.15 3.83
C12 OLC N . -9.18 6.81 2.31
C15 OLC N . -10.81 4.04 2.65
C13 OLC N . -8.80 5.37 1.99
C14 OLC N . -9.41 4.45 3.06
C10 OLC O . -11.44 -0.13 12.97
C9 OLC O . -10.88 1.05 13.10
C11 OLC O . -12.33 -0.68 14.08
C8 OLC O . -9.97 1.61 12.00
C12 OLC O . -12.87 -2.05 13.68
C7 OLC O . -8.71 0.76 11.88
C13 OLC O . -13.87 -2.53 14.74
C6 OLC O . -7.62 1.56 11.16
C14 OLC O . -15.06 -1.58 14.80
C5 OLC O . -6.71 0.61 10.39
C4 OLC O . -7.22 0.45 8.96
C3 OLC O . -6.55 -0.75 8.29
C10 OLC P . 6.02 5.35 -11.99
C9 OLC P . 4.94 6.10 -12.18
C11 OLC P . 6.78 4.81 -13.19
C8 OLC P . 4.18 6.64 -10.97
C12 OLC P . 8.17 4.35 -12.75
C7 OLC P . 3.61 5.48 -10.14
C6 OLC P . 3.14 6.00 -8.79
C5 OLC P . 2.82 4.82 -7.87
C4 OLC P . 2.45 5.34 -6.48
C3 OLC P . 2.61 4.21 -5.47
C10 OLC Q . -22.62 -13.50 -19.03
C9 OLC Q . -22.22 -12.25 -19.10
C11 OLC Q . -22.43 -14.31 -17.74
C8 OLC Q . -22.43 -11.46 -20.39
C16 OLC Q . -19.95 -20.02 -18.13
C12 OLC Q . -21.22 -15.22 -17.90
C7 OLC Q . -22.72 -10.00 -20.06
C15 OLC Q . -21.07 -19.02 -17.84
C13 OLC Q . -21.55 -16.61 -17.36
C6 OLC Q . -21.63 -9.11 -20.64
C14 OLC Q . -20.49 -17.60 -17.85
C5 OLC Q . -22.29 -7.91 -21.33
C4 OLC Q . -21.24 -6.89 -21.75
C3 OLC Q . -21.95 -5.64 -22.28
C2 OLC Q . -21.16 -4.39 -21.88
C1 OLC Q . -22.09 -3.18 -21.89
C18 OLC R . -19.19 7.59 -14.11
C10 OLC R . -13.64 4.61 -19.96
C9 OLC R . -14.11 5.83 -20.08
C17 OLC R . -19.04 6.33 -14.96
C11 OLC R . -13.76 3.88 -18.63
C8 OLC R . -14.01 6.58 -21.41
C16 OLC R . -17.85 6.45 -15.90
C12 OLC R . -15.15 4.11 -18.04
C7 OLC R . -14.98 7.77 -21.41
C15 OLC R . -16.62 5.79 -15.29
C13 OLC R . -15.03 4.32 -16.53
C6 OLC R . -14.84 8.54 -22.72
C14 OLC R . -16.41 4.41 -15.91
C5 OLC R . -13.39 8.95 -22.94
C4 OLC R . -13.31 10.17 -23.86
C3 OLC R . -11.94 10.23 -24.53
C2 OLC R . -11.84 9.14 -25.60
C5 YT7 S . 14.69 11.84 6.63
C6 YT7 S . 14.36 13.67 8.43
C7 YT7 S . 13.92 15.10 8.29
C8 YT7 S . 13.81 16.11 9.24
C9 YT7 S . 13.39 17.37 8.85
C10 YT7 S . 13.07 17.63 7.53
C3 YT7 S . 13.06 10.31 7.72
C2 YT7 S . 12.85 8.91 8.31
C1 YT7 S . 15.03 8.22 7.76
O1 YT7 S . 14.42 5.57 6.12
N1 YT7 S . 14.30 13.19 7.05
C4 YT7 S . 14.53 10.72 7.63
C11 YT7 S . 13.17 16.62 6.58
C15 YT7 S . 13.75 5.38 7.12
C14 YT7 S . 13.31 6.55 7.99
C13 YT7 S . 13.85 14.13 6.17
C12 YT7 S . 13.60 15.36 6.97
C16 YT7 S . 13.32 4.01 7.51
N YT7 S . 13.62 7.91 7.57
C YT7 S . 15.38 9.56 7.13
O YT7 S . 13.72 13.96 4.98
C17 YT7 S . 13.69 2.92 6.72
C18 YT7 S . 13.25 1.65 7.03
C19 YT7 S . 12.46 1.48 8.12
C20 YT7 S . 12.09 2.51 8.94
C21 YT7 S . 12.53 3.79 8.63
F YT7 S . 12.01 0.22 8.41
C18 OLC T . 0.94 -13.06 10.61
C10 OLC T . 5.77 -7.10 8.43
C9 OLC T . 6.48 -6.68 7.40
C17 OLC T . 1.86 -13.03 9.40
C11 OLC T . 4.26 -6.87 8.47
C8 OLC T . 7.98 -6.90 7.38
C16 OLC T . 1.41 -11.92 8.45
C12 OLC T . 3.54 -8.18 8.80
C7 OLC T . 8.42 -7.18 5.94
C15 OLC T . 2.19 -10.64 8.77
C13 OLC T . 4.28 -9.38 8.19
C6 OLC T . 9.45 -8.30 5.92
C14 OLC T . 3.29 -10.44 7.73
C5 OLC T . 9.06 -9.29 4.82
C4 OLC T . 10.18 -10.30 4.64
C3 OLC T . 11.48 -9.55 4.33
C17 OLC U . -4.22 -11.86 12.05
C11 OLC U . -0.69 -7.39 7.73
C16 OLC U . -3.01 -11.49 11.19
C12 OLC U . -0.31 -7.99 9.08
C15 OLC U . -3.08 -10.00 10.84
C13 OLC U . -1.57 -8.22 9.92
C14 OLC U . -2.00 -9.69 9.81
C18 OLC V . 2.55 8.56 -3.29
C10 OLC V . -0.30 17.20 -1.64
C9 OLC V . -1.21 16.74 -0.81
C17 OLC V . 2.35 9.63 -2.23
C11 OLC V . 0.66 16.24 -2.35
C16 OLC V . 2.53 11.02 -2.84
C12 OLC V . 1.67 15.70 -1.34
C15 OLC V . 2.62 12.07 -1.73
C13 OLC V . 1.46 14.20 -1.14
C14 OLC V . 2.17 13.43 -2.27
C10 OLC W . 14.51 -2.77 -5.66
C9 OLC W . 14.76 -1.66 -6.33
C11 OLC W . 13.10 -3.38 -5.72
C8 OLC W . 16.17 -1.07 -6.28
C16 OLC W . 10.39 -5.18 -2.06
C12 OLC W . 13.05 -4.57 -4.76
C7 OLC W . 16.22 0.16 -7.20
C15 OLC W . 11.67 -5.90 -2.44
C13 OLC W . 11.65 -5.19 -4.83
C6 OLC W . 17.00 -0.18 -8.46
C14 OLC W . 11.56 -6.39 -3.89
C5 OLC W . 16.84 0.95 -9.47
C4 OLC W . 18.14 1.08 -10.27
C3 OLC W . 19.33 1.17 -9.32
C2 OLC W . 20.59 1.47 -10.11
C10 OLC X . 29.69 -3.36 10.62
C9 OLC X . 30.61 -2.61 10.06
C11 OLC X . 29.28 -3.13 12.08
C8 OLC X . 31.01 -2.85 8.61
C12 OLC X . 28.08 -4.01 12.41
C7 OLC X . 31.71 -1.60 8.07
C13 OLC X . 27.69 -3.84 13.88
C6 OLC X . 33.19 -1.62 8.44
C14 OLC X . 27.01 -5.12 14.37
C5 OLC X . 33.90 -0.44 7.76
C4 OLC X . 33.37 -0.25 6.34
C3 OLC X . 34.34 0.61 5.52
C2 OLC X . 33.71 0.93 4.16
C5 YT7 Y . 28.68 -18.95 -1.90
C6 YT7 Y . 28.78 -21.45 -1.27
C7 YT7 Y . 29.94 -22.40 -1.22
C8 YT7 Y . 30.00 -23.75 -0.89
C9 YT7 Y . 31.22 -24.41 -0.92
C10 YT7 Y . 32.37 -23.74 -1.27
C3 YT7 Y . 27.10 -18.82 0.06
C2 YT7 Y . 26.62 -18.00 1.25
C1 YT7 Y . 27.44 -15.97 0.29
O1 YT7 Y . 26.46 -13.65 1.76
N1 YT7 Y . 29.42 -20.20 -1.70
C4 YT7 Y . 28.29 -18.18 -0.63
C11 YT7 Y . 32.32 -22.40 -1.62
C15 YT7 Y . 25.72 -14.42 2.33
C14 YT7 Y . 25.65 -15.89 1.94
C13 YT7 Y . 30.76 -20.32 -1.89
C12 YT7 Y . 31.10 -21.73 -1.59
C16 YT7 Y . 24.85 -13.96 3.46
N YT7 Y . 26.24 -16.64 0.83
C YT7 Y . 27.97 -16.72 -0.93
O YT7 Y . 31.50 -19.42 -2.24
C17 YT7 Y . 24.85 -12.64 3.88
C18 YT7 Y . 24.00 -12.23 4.91
C19 YT7 Y . 23.18 -13.16 5.48
C20 YT7 Y . 23.15 -14.47 5.09
C21 YT7 Y . 24.00 -14.87 4.08
F YT7 Y . 22.35 -12.77 6.49
C18 OLC Z . 38.27 -24.29 11.91
C10 OLC Z . 37.39 -19.65 11.70
C9 OLC Z . 37.34 -18.81 12.71
C17 OLC Z . 39.53 -24.92 11.33
C11 OLC Z . 38.13 -19.26 10.42
C8 OLC Z . 36.60 -19.20 14.00
C16 OLC Z . 39.80 -24.38 9.93
C12 OLC Z . 39.35 -20.16 10.22
C7 OLC Z . 35.38 -18.30 14.18
C15 OLC Z . 40.69 -23.14 9.98
C13 OLC Z . 38.95 -21.41 9.46
C6 OLC Z . 34.96 -18.32 15.65
C14 OLC Z . 40.20 -22.12 8.94
C5 OLC Z . 34.11 -17.10 15.97
C4 OLC Z . 32.67 -17.54 16.26
C3 OLC Z . 32.03 -16.55 17.23
C2 OLC Z . 30.69 -17.08 17.72
C1 OLC Z . 30.01 -16.01 18.58
C18 OLC AA . -4.98 -20.89 14.57
C10 OLC AA . -2.14 -15.82 7.68
C9 OLC AA . -1.07 -15.40 7.05
C17 OLC AA . -3.68 -20.12 14.36
C11 OLC AA . -2.06 -16.22 9.15
C16 OLC AA . -3.30 -20.17 12.87
C12 OLC AA . -1.15 -17.45 9.27
C15 OLC AA . -2.64 -18.85 12.48
C13 OLC AA . -1.13 -17.94 10.73
C14 OLC AA . -2.30 -18.88 10.98
C8 OLC BA . 17.63 -16.91 16.54
C7 OLC BA . 17.99 -15.44 16.74
C6 OLC BA . 19.30 -15.17 16.02
C5 OLC BA . 19.09 -15.34 14.51
C4 OLC BA . 19.53 -14.07 13.79
C3 OLC BA . 18.90 -12.84 14.44
C2 OLC BA . 19.50 -11.55 13.85
C1 OLC BA . 18.94 -10.33 14.57
C18 OLC CA . 16.53 -23.83 -3.48
C10 OLC CA . 11.09 -30.27 0.97
C9 OLC CA . 10.54 -31.44 0.77
C17 OLC CA . 15.60 -25.04 -3.54
C11 OLC CA . 11.81 -29.55 -0.18
C8 OLC CA . 9.82 -32.14 1.93
C16 OLC CA . 14.60 -24.99 -2.38
C12 OLC CA . 11.67 -28.04 -0.01
C7 OLC CA . 8.67 -32.97 1.40
C15 OLC CA . 13.82 -26.30 -2.30
C13 OLC CA . 11.74 -27.36 -1.38
C6 OLC CA . 9.03 -34.45 1.49
C14 OLC CA . 12.68 -26.15 -1.31
C5 OLC CA . 7.74 -35.28 1.45
C4 OLC CA . 8.00 -36.67 2.01
C3 OLC CA . 6.67 -37.40 2.19
C2 OLC CA . 6.36 -38.27 0.98
#